data_7SD5
#
_entry.id   7SD5
#
_cell.length_a   75.756
_cell.length_b   79.845
_cell.length_c   118.864
_cell.angle_alpha   90.00
_cell.angle_beta   90.00
_cell.angle_gamma   90.00
#
_symmetry.space_group_name_H-M   'P 21 21 21'
#
loop_
_entity.id
_entity.type
_entity.pdbx_description
1 polymer 'Spike protein S1'
2 polymer '10-40 Heavy chain'
3 polymer '10-40 Light chain'
4 branched 2-acetamido-2-deoxy-beta-D-glucopyranose-(1-4)-2-acetamido-2-deoxy-beta-D-glucopyranose
5 water water
#
loop_
_entity_poly.entity_id
_entity_poly.type
_entity_poly.pdbx_seq_one_letter_code
_entity_poly.pdbx_strand_id
1 'polypeptide(L)'
;APRRVQPTESIVRFPNITNLCPFGEVFNATRFASVYAWNRKRISNCVADYSVLYNSASFSTFKCYGVSPTKLNDLCFTNV
YADSFVIRGDEVRQIAPGQTGKIADYNYKLPDDFTGCVIAWNSNNLDSKVGGNYNYLYRLFRKSNLKPFERDISTEIYQA
GSTPCNGVEGFNCYFPLQSYGFQPTNGVGYQPYRVVVLSFELLHAPATVCGPKKSTNLVKNKGSLEVLFQGPGHHHHHH
;
A
2 'polypeptide(L)'
;QLQLQESGPGLVKPSETLSLTCTVSGGSISSSNFYWGWIRQPPGKGLEWIASITYSGRTFYNPSLKSRVAISVDTSKNQF
SLKLSSVTAADTAVYYCARTFPSYYDRSGYHYLNYGMDVWGQGTTVTVSSASTKGPSVFPLAPSSKSTSGGTAALGCLVK
DYFPEPVTVSWNSGALTSGVHTFPAVLQSSGLYSLSSVVTVPSSSLGTQTYICNVNHKPSNTKVDKKVEPKSCDKT
;
H
3 'polypeptide(L)'
;NFMLTQPHSMSESPGKTVTISCTRSSGSIASNYVQWYQQRPGSSPTTVIYEDNQRPSGVPDRFSGSIDSSSNSASLTISG
LKTEDEADYYCQSYDSSSWVFGGGTKLTVLGQPKANPTVTLFPPSSEELQANKATLVCLISDFYPGAVTVAWKADGSPVK
AGVETTKPSKQSNNKYAASSYLSLTPEQWKSHRSYSCQVTHEGSTVEKTVAPTECS
;
L
#
# COMPACT_ATOMS: atom_id res chain seq x y z
N LEU A 20 -3.80 -48.11 -3.53
CA LEU A 20 -3.85 -46.74 -4.15
C LEU A 20 -4.60 -45.78 -3.23
N CYS A 21 -4.04 -44.57 -3.04
CA CYS A 21 -4.67 -43.51 -2.22
C CYS A 21 -6.02 -43.13 -2.82
N PRO A 22 -7.04 -42.92 -1.96
CA PRO A 22 -8.41 -42.62 -2.42
C PRO A 22 -8.65 -41.16 -2.81
N PHE A 23 -7.95 -40.65 -3.83
CA PHE A 23 -8.15 -39.26 -4.33
C PHE A 23 -9.45 -39.19 -5.12
N GLY A 24 -9.88 -40.29 -5.75
CA GLY A 24 -11.22 -40.32 -6.39
C GLY A 24 -12.35 -40.01 -5.42
N GLU A 25 -12.32 -40.53 -4.19
CA GLU A 25 -13.42 -40.28 -3.21
C GLU A 25 -13.47 -38.79 -2.85
N VAL A 26 -12.31 -38.12 -2.86
CA VAL A 26 -12.25 -36.67 -2.51
C VAL A 26 -12.75 -35.88 -3.71
N PHE A 27 -12.07 -36.01 -4.83
CA PHE A 27 -12.34 -35.16 -6.01
C PHE A 27 -13.74 -35.42 -6.56
N ASN A 28 -14.20 -36.68 -6.57
CA ASN A 28 -15.48 -37.02 -7.22
C ASN A 28 -16.61 -37.22 -6.21
N ALA A 29 -16.46 -36.78 -4.97
CA ALA A 29 -17.56 -36.79 -3.97
C ALA A 29 -18.78 -36.10 -4.59
N THR A 30 -19.96 -36.70 -4.46
CA THR A 30 -21.22 -36.12 -4.98
C THR A 30 -21.50 -34.81 -4.22
N ARG A 31 -21.31 -34.79 -2.90
CA ARG A 31 -21.54 -33.60 -2.03
C ARG A 31 -20.20 -32.96 -1.63
N PHE A 32 -20.15 -31.64 -1.60
CA PHE A 32 -18.98 -30.88 -1.09
C PHE A 32 -19.46 -30.02 0.08
N ALA A 33 -18.56 -29.79 1.04
CA ALA A 33 -18.79 -28.96 2.24
C ALA A 33 -18.93 -27.46 1.87
N SER A 34 -19.68 -26.73 2.68
CA SER A 34 -19.58 -25.24 2.73
C SER A 34 -18.16 -24.92 3.20
N VAL A 35 -17.60 -23.81 2.73
CA VAL A 35 -16.22 -23.45 3.10
C VAL A 35 -16.07 -23.21 4.61
N TYR A 36 -17.05 -22.64 5.29
CA TYR A 36 -16.92 -22.37 6.73
C TYR A 36 -16.80 -23.72 7.46
N ALA A 37 -17.35 -24.77 6.88
CA ALA A 37 -17.39 -26.12 7.50
C ALA A 37 -16.57 -27.09 6.66
N TRP A 38 -15.46 -26.59 6.11
CA TRP A 38 -14.63 -27.29 5.15
C TRP A 38 -14.26 -28.68 5.66
N ASN A 39 -14.26 -29.60 4.74
CA ASN A 39 -13.97 -31.03 5.03
C ASN A 39 -12.47 -31.27 4.96
N ARG A 40 -11.93 -32.13 5.85
CA ARG A 40 -10.56 -32.68 5.74
C ARG A 40 -10.58 -34.21 5.70
N LYS A 41 -9.88 -34.76 4.74
CA LYS A 41 -9.62 -36.23 4.68
C LYS A 41 -8.13 -36.46 4.86
N ARG A 42 -7.74 -37.27 5.86
CA ARG A 42 -6.34 -37.67 6.03
C ARG A 42 -6.05 -38.86 5.11
N ILE A 43 -4.95 -38.77 4.37
CA ILE A 43 -4.51 -39.83 3.44
C ILE A 43 -3.15 -40.33 3.93
N SER A 44 -3.05 -41.65 4.11
CA SER A 44 -1.84 -42.25 4.74
C SER A 44 -1.75 -43.72 4.30
N ASN A 45 -0.52 -44.27 4.30
CA ASN A 45 -0.28 -45.73 4.11
C ASN A 45 -0.87 -46.17 2.77
N CYS A 46 -0.45 -45.55 1.68
CA CYS A 46 -1.06 -45.79 0.34
C CYS A 46 -0.14 -45.28 -0.76
N VAL A 47 -0.38 -45.73 -1.99
CA VAL A 47 0.44 -45.32 -3.16
C VAL A 47 -0.36 -44.27 -3.91
N ALA A 48 0.26 -43.11 -4.14
CA ALA A 48 -0.43 -41.92 -4.65
C ALA A 48 -0.02 -41.76 -6.11
N ASP A 49 -0.95 -41.97 -7.04
CA ASP A 49 -0.71 -41.64 -8.46
C ASP A 49 -1.24 -40.22 -8.71
N TYR A 50 -0.37 -39.21 -8.70
CA TYR A 50 -0.81 -37.80 -8.87
C TYR A 50 -1.04 -37.46 -10.35
N SER A 51 -0.66 -38.33 -11.28
CA SER A 51 -0.77 -38.05 -12.73
C SER A 51 -2.27 -37.93 -13.12
N VAL A 52 -3.16 -38.60 -12.40
CA VAL A 52 -4.63 -38.54 -12.62
C VAL A 52 -5.06 -37.08 -12.39
N LEU A 53 -4.31 -36.36 -11.56
CA LEU A 53 -4.57 -34.89 -11.36
C LEU A 53 -3.82 -34.07 -12.40
N TYR A 54 -2.48 -34.15 -12.46
CA TYR A 54 -1.69 -33.21 -13.29
C TYR A 54 -1.81 -33.51 -14.81
N ASN A 55 -2.35 -34.66 -15.21
CA ASN A 55 -2.58 -34.92 -16.66
C ASN A 55 -3.98 -34.45 -17.06
N SER A 56 -4.81 -34.00 -16.11
CA SER A 56 -6.19 -33.56 -16.41
C SER A 56 -6.20 -32.09 -16.86
N ALA A 57 -6.95 -31.75 -17.92
CA ALA A 57 -7.15 -30.37 -18.40
C ALA A 57 -8.47 -29.80 -17.85
N SER A 58 -9.14 -30.51 -16.94
CA SER A 58 -10.50 -30.16 -16.41
C SER A 58 -10.43 -29.08 -15.32
N PHE A 59 -9.26 -28.70 -14.83
CA PHE A 59 -9.17 -27.82 -13.63
C PHE A 59 -8.97 -26.39 -14.09
N SER A 60 -9.59 -25.45 -13.41
CA SER A 60 -9.48 -24.00 -13.69
C SER A 60 -8.30 -23.39 -12.92
N THR A 61 -7.91 -23.95 -11.78
CA THR A 61 -6.76 -23.50 -10.98
C THR A 61 -5.98 -24.75 -10.57
N PHE A 62 -4.67 -24.71 -10.73
CA PHE A 62 -3.81 -25.81 -10.29
C PHE A 62 -2.47 -25.18 -9.97
N LYS A 63 -2.29 -24.87 -8.68
CA LYS A 63 -1.10 -24.17 -8.20
CA LYS A 63 -1.10 -24.16 -8.19
C LYS A 63 -0.50 -24.94 -7.02
N CYS A 64 0.79 -25.23 -7.12
CA CYS A 64 1.50 -26.00 -6.09
C CYS A 64 2.61 -25.16 -5.47
N TYR A 65 2.64 -25.16 -4.16
CA TYR A 65 3.58 -24.39 -3.31
C TYR A 65 4.58 -25.34 -2.71
N GLY A 66 5.86 -25.02 -2.91
CA GLY A 66 7.01 -25.74 -2.31
C GLY A 66 7.24 -27.10 -2.93
N VAL A 67 6.49 -27.46 -3.96
CA VAL A 67 6.67 -28.77 -4.66
C VAL A 67 6.10 -28.63 -6.07
N SER A 68 6.74 -29.25 -7.06
CA SER A 68 6.23 -29.30 -8.43
C SER A 68 5.37 -30.54 -8.61
N PRO A 69 4.19 -30.41 -9.24
CA PRO A 69 3.34 -31.57 -9.43
C PRO A 69 4.00 -32.63 -10.32
N THR A 70 4.86 -32.20 -11.26
CA THR A 70 5.56 -33.11 -12.22
C THR A 70 6.66 -33.87 -11.48
N LYS A 71 6.86 -33.64 -10.17
CA LYS A 71 7.84 -34.40 -9.33
C LYS A 71 7.15 -35.27 -8.27
N LEU A 72 5.83 -35.15 -8.08
CA LEU A 72 5.10 -35.74 -6.93
C LEU A 72 5.18 -37.28 -6.99
N ASN A 73 5.17 -37.83 -8.20
CA ASN A 73 5.18 -39.31 -8.38
C ASN A 73 6.53 -39.86 -7.87
N ASP A 74 7.56 -39.02 -7.72
CA ASP A 74 8.93 -39.40 -7.30
C ASP A 74 9.14 -39.16 -5.80
N LEU A 75 8.13 -38.69 -5.05
CA LEU A 75 8.32 -38.17 -3.67
C LEU A 75 7.50 -38.98 -2.66
N CYS A 76 7.94 -38.96 -1.40
CA CYS A 76 7.29 -39.59 -0.22
C CYS A 76 6.98 -38.54 0.85
N PHE A 77 5.81 -38.64 1.47
CA PHE A 77 5.36 -37.74 2.57
C PHE A 77 4.89 -38.59 3.73
N THR A 78 4.93 -38.00 4.93
CA THR A 78 4.45 -38.65 6.18
C THR A 78 2.94 -38.81 6.08
N ASN A 79 2.25 -37.70 5.80
CA ASN A 79 0.78 -37.68 5.62
C ASN A 79 0.45 -36.76 4.45
N VAL A 80 -0.68 -37.00 3.79
CA VAL A 80 -1.31 -36.03 2.85
C VAL A 80 -2.66 -35.70 3.46
N TYR A 81 -3.04 -34.43 3.51
CA TYR A 81 -4.41 -34.06 3.90
C TYR A 81 -5.11 -33.53 2.66
N ALA A 82 -6.36 -33.89 2.50
CA ALA A 82 -7.15 -33.34 1.38
C ALA A 82 -8.33 -32.56 1.97
N ASP A 83 -8.31 -31.24 1.82
CA ASP A 83 -9.37 -30.38 2.34
C ASP A 83 -10.24 -29.97 1.13
N SER A 84 -11.54 -29.92 1.32
CA SER A 84 -12.43 -29.64 0.17
C SER A 84 -13.66 -28.84 0.59
N PHE A 85 -14.09 -27.97 -0.32
CA PHE A 85 -15.19 -27.04 -0.08
C PHE A 85 -15.55 -26.36 -1.38
N VAL A 86 -16.64 -25.56 -1.30
CA VAL A 86 -17.12 -24.72 -2.43
C VAL A 86 -17.01 -23.24 -2.03
N ILE A 87 -16.50 -22.47 -2.98
CA ILE A 87 -16.52 -20.97 -2.90
C ILE A 87 -16.91 -20.43 -4.25
N ARG A 88 -16.99 -19.12 -4.38
CA ARG A 88 -17.27 -18.58 -5.73
C ARG A 88 -15.96 -18.37 -6.48
N GLY A 89 -16.08 -18.30 -7.81
CA GLY A 89 -14.96 -18.15 -8.73
C GLY A 89 -13.96 -17.07 -8.34
N ASP A 90 -14.39 -15.84 -8.00
CA ASP A 90 -13.41 -14.76 -7.77
C ASP A 90 -12.84 -14.83 -6.35
N GLU A 91 -13.17 -15.88 -5.57
CA GLU A 91 -12.53 -16.13 -4.26
C GLU A 91 -11.42 -17.20 -4.32
N VAL A 92 -11.33 -17.94 -5.42
CA VAL A 92 -10.29 -19.01 -5.54
C VAL A 92 -8.88 -18.43 -5.28
N ARG A 93 -8.61 -17.20 -5.73
N ARG A 93 -8.63 -17.19 -5.71
CA ARG A 93 -7.30 -16.53 -5.51
CA ARG A 93 -7.32 -16.51 -5.53
C ARG A 93 -6.96 -16.34 -4.02
C ARG A 93 -6.98 -16.28 -4.04
N GLN A 94 -7.97 -16.38 -3.14
CA GLN A 94 -7.74 -16.29 -1.69
C GLN A 94 -7.15 -17.59 -1.11
N ILE A 95 -7.23 -18.70 -1.83
CA ILE A 95 -6.73 -20.00 -1.30
C ILE A 95 -5.26 -20.12 -1.73
N ALA A 96 -4.44 -19.28 -1.12
CA ALA A 96 -3.02 -19.15 -1.47
C ALA A 96 -2.32 -18.60 -0.26
N PRO A 97 -1.05 -18.96 -0.06
CA PRO A 97 -0.29 -18.37 1.04
C PRO A 97 -0.23 -16.84 0.99
N GLY A 98 -0.43 -16.23 2.15
CA GLY A 98 -0.32 -14.78 2.33
C GLY A 98 -1.52 -13.99 1.88
N GLN A 99 -2.60 -14.64 1.48
N GLN A 99 -2.58 -14.67 1.45
CA GLN A 99 -3.74 -13.91 0.94
CA GLN A 99 -3.81 -14.08 0.87
C GLN A 99 -4.65 -13.48 2.10
C GLN A 99 -4.73 -13.61 2.00
N THR A 100 -5.51 -12.55 1.76
CA THR A 100 -6.46 -11.95 2.72
C THR A 100 -7.82 -11.86 2.02
N GLY A 101 -8.83 -11.56 2.80
CA GLY A 101 -10.20 -11.46 2.30
C GLY A 101 -11.09 -12.30 3.14
N LYS A 102 -12.39 -12.23 2.93
CA LYS A 102 -13.38 -12.91 3.80
C LYS A 102 -13.10 -14.42 3.85
N ILE A 103 -12.70 -15.05 2.76
CA ILE A 103 -12.49 -16.52 2.76
C ILE A 103 -11.20 -16.80 3.53
N ALA A 104 -10.07 -16.20 3.14
CA ALA A 104 -8.80 -16.50 3.84
C ALA A 104 -8.89 -16.10 5.32
N ASP A 105 -9.53 -15.00 5.66
CA ASP A 105 -9.51 -14.43 7.00
C ASP A 105 -10.47 -15.22 7.89
N TYR A 106 -11.66 -15.58 7.41
CA TYR A 106 -12.72 -16.04 8.34
C TYR A 106 -13.20 -17.47 8.01
N ASN A 107 -12.74 -18.08 6.93
CA ASN A 107 -13.30 -19.40 6.50
C ASN A 107 -12.24 -20.50 6.37
N TYR A 108 -11.19 -20.28 5.60
CA TYR A 108 -10.17 -21.32 5.29
C TYR A 108 -8.86 -20.59 5.04
N LYS A 109 -7.89 -20.84 5.91
CA LYS A 109 -6.60 -20.15 5.90
C LYS A 109 -5.46 -21.11 5.63
N LEU A 110 -4.71 -20.86 4.58
CA LEU A 110 -3.44 -21.62 4.36
C LEU A 110 -2.35 -21.01 5.19
N PRO A 111 -1.39 -21.80 5.70
CA PRO A 111 -0.23 -21.23 6.33
C PRO A 111 0.68 -20.57 5.30
N ASP A 112 1.41 -19.57 5.77
CA ASP A 112 2.43 -18.89 4.95
C ASP A 112 3.45 -19.88 4.40
N ASP A 113 3.74 -20.95 5.15
N ASP A 113 3.85 -20.92 5.15
CA ASP A 113 4.79 -21.95 4.80
CA ASP A 113 4.86 -21.90 4.68
C ASP A 113 4.18 -23.13 4.05
C ASP A 113 4.13 -23.17 4.21
N PHE A 114 2.92 -23.04 3.64
CA PHE A 114 2.21 -24.15 2.98
C PHE A 114 3.07 -24.91 1.96
N THR A 115 3.02 -26.24 2.06
CA THR A 115 3.53 -27.14 1.00
C THR A 115 2.40 -28.04 0.51
N GLY A 116 2.02 -27.83 -0.74
CA GLY A 116 0.88 -28.56 -1.30
C GLY A 116 0.30 -27.91 -2.52
N CYS A 117 -0.81 -28.46 -2.97
CA CYS A 117 -1.45 -28.03 -4.22
C CYS A 117 -2.86 -27.54 -3.93
N VAL A 118 -3.24 -26.48 -4.63
CA VAL A 118 -4.61 -25.92 -4.62
C VAL A 118 -5.19 -26.16 -6.01
N ILE A 119 -6.26 -26.95 -6.04
CA ILE A 119 -6.88 -27.43 -7.30
C ILE A 119 -8.35 -27.05 -7.27
N ALA A 120 -8.78 -26.36 -8.30
CA ALA A 120 -10.19 -25.91 -8.36
C ALA A 120 -10.78 -26.15 -9.74
N TRP A 121 -12.09 -26.26 -9.76
CA TRP A 121 -12.83 -26.35 -11.04
C TRP A 121 -14.21 -25.75 -10.88
N ASN A 122 -14.77 -25.35 -12.00
CA ASN A 122 -16.12 -24.74 -12.03
C ASN A 122 -17.15 -25.84 -11.81
N SER A 123 -18.09 -25.65 -10.89
CA SER A 123 -19.10 -26.67 -10.50
C SER A 123 -20.53 -26.13 -10.72
N ASN A 124 -20.65 -25.18 -11.62
CA ASN A 124 -21.96 -24.53 -11.96
C ASN A 124 -23.01 -25.60 -12.28
N ASN A 125 -22.61 -26.65 -12.97
CA ASN A 125 -23.52 -27.71 -13.46
CA ASN A 125 -23.60 -27.66 -13.46
C ASN A 125 -24.07 -28.53 -12.27
N LEU A 126 -23.35 -28.57 -11.15
CA LEU A 126 -23.73 -29.39 -9.98
C LEU A 126 -24.29 -28.52 -8.86
N ASP A 127 -23.80 -27.28 -8.71
CA ASP A 127 -23.99 -26.56 -7.42
C ASP A 127 -24.79 -25.26 -7.59
N SER A 128 -25.21 -24.92 -8.81
CA SER A 128 -26.19 -23.84 -9.07
C SER A 128 -27.57 -24.44 -9.31
N LYS A 129 -28.62 -23.68 -8.99
CA LYS A 129 -30.04 -24.09 -9.14
C LYS A 129 -30.77 -22.86 -9.66
N VAL A 130 -31.68 -23.06 -10.62
CA VAL A 130 -32.62 -21.99 -11.05
C VAL A 130 -33.38 -21.53 -9.80
N GLY A 131 -33.39 -20.23 -9.55
CA GLY A 131 -33.99 -19.65 -8.34
C GLY A 131 -32.96 -19.44 -7.25
N GLY A 132 -31.75 -20.01 -7.43
CA GLY A 132 -30.60 -19.89 -6.50
C GLY A 132 -30.46 -21.09 -5.58
N ASN A 133 -29.25 -21.64 -5.48
CA ASN A 133 -28.92 -22.69 -4.48
C ASN A 133 -28.36 -21.94 -3.27
N TYR A 134 -28.99 -22.07 -2.11
CA TYR A 134 -28.65 -21.28 -0.90
C TYR A 134 -28.04 -22.22 0.15
N ASN A 135 -27.73 -23.45 -0.23
CA ASN A 135 -27.19 -24.48 0.70
C ASN A 135 -25.74 -24.14 1.06
N TYR A 136 -24.96 -23.49 0.20
CA TYR A 136 -23.54 -23.19 0.46
C TYR A 136 -23.41 -21.85 1.19
N LEU A 137 -22.77 -21.85 2.37
CA LEU A 137 -22.61 -20.66 3.22
C LEU A 137 -21.13 -20.30 3.32
N TYR A 138 -20.88 -19.04 3.67
CA TYR A 138 -19.55 -18.61 4.14
C TYR A 138 -19.72 -17.73 5.36
N ARG A 139 -18.69 -17.62 6.16
CA ARG A 139 -18.67 -16.70 7.29
C ARG A 139 -18.29 -15.30 6.81
N LEU A 140 -19.14 -14.33 7.10
CA LEU A 140 -18.94 -12.91 6.68
C LEU A 140 -18.31 -12.09 7.80
N PHE A 141 -18.55 -12.46 9.06
CA PHE A 141 -18.13 -11.67 10.22
C PHE A 141 -17.42 -12.59 11.21
N ARG A 142 -16.35 -12.09 11.78
CA ARG A 142 -15.62 -12.80 12.87
C ARG A 142 -14.80 -11.81 13.69
N LYS A 143 -14.63 -12.07 14.98
CA LYS A 143 -13.90 -11.12 15.85
C LYS A 143 -12.40 -11.08 15.53
N SER A 144 -11.87 -12.13 14.95
CA SER A 144 -10.43 -12.24 14.62
C SER A 144 -10.26 -13.15 13.41
N ASN A 145 -9.07 -13.15 12.85
CA ASN A 145 -8.75 -14.02 11.70
C ASN A 145 -8.52 -15.46 12.18
N LEU A 146 -8.85 -16.44 11.35
CA LEU A 146 -8.52 -17.86 11.56
C LEU A 146 -7.00 -18.04 11.55
N LYS A 147 -6.52 -18.90 12.42
CA LYS A 147 -5.16 -19.46 12.30
C LYS A 147 -5.14 -20.45 11.13
N PRO A 148 -3.95 -20.76 10.60
CA PRO A 148 -3.87 -21.71 9.49
C PRO A 148 -4.52 -23.04 9.86
N PHE A 149 -5.36 -23.54 8.96
CA PHE A 149 -6.08 -24.83 9.08
C PHE A 149 -7.02 -24.83 10.28
N GLU A 150 -7.47 -23.67 10.78
CA GLU A 150 -8.50 -23.60 11.81
C GLU A 150 -9.86 -23.65 11.14
N ARG A 151 -10.82 -24.24 11.84
CA ARG A 151 -12.21 -24.36 11.40
C ARG A 151 -13.11 -23.74 12.47
N ASP A 152 -14.05 -22.93 12.05
CA ASP A 152 -15.01 -22.30 12.98
C ASP A 152 -16.40 -22.59 12.44
N ILE A 153 -17.18 -23.43 13.13
CA ILE A 153 -18.58 -23.75 12.72
C ILE A 153 -19.60 -23.16 13.69
N SER A 154 -19.18 -22.21 14.54
CA SER A 154 -20.06 -21.50 15.50
C SER A 154 -21.05 -20.56 14.79
N THR A 155 -22.21 -20.36 15.39
CA THR A 155 -23.29 -19.51 14.82
C THR A 155 -23.75 -18.48 15.85
N GLU A 156 -22.83 -17.96 16.63
CA GLU A 156 -23.11 -16.88 17.59
C GLU A 156 -23.42 -15.61 16.82
N ILE A 157 -24.37 -14.81 17.31
CA ILE A 157 -24.63 -13.47 16.74
C ILE A 157 -23.40 -12.61 16.90
N TYR A 158 -23.02 -11.94 15.81
CA TYR A 158 -21.82 -11.11 15.75
C TYR A 158 -22.18 -9.69 16.18
N GLN A 159 -21.47 -9.17 17.17
CA GLN A 159 -21.64 -7.76 17.63
C GLN A 159 -20.83 -6.81 16.78
N ALA A 160 -21.44 -6.06 15.85
CA ALA A 160 -20.75 -5.11 14.94
C ALA A 160 -20.61 -3.70 15.55
N GLY A 161 -21.37 -3.40 16.58
CA GLY A 161 -21.43 -2.05 17.15
C GLY A 161 -21.06 -2.14 18.61
N SER A 162 -21.61 -1.25 19.43
CA SER A 162 -21.23 -1.14 20.87
C SER A 162 -22.35 -1.65 21.78
N THR A 163 -23.51 -2.00 21.24
CA THR A 163 -24.66 -2.48 22.04
C THR A 163 -24.68 -4.00 21.97
N PRO A 164 -25.05 -4.66 23.10
CA PRO A 164 -25.05 -6.11 23.21
C PRO A 164 -26.16 -6.75 22.36
N CYS A 165 -25.98 -7.99 21.93
CA CYS A 165 -26.92 -8.65 21.01
C CYS A 165 -27.96 -9.48 21.77
N ASN A 166 -27.67 -9.90 23.00
CA ASN A 166 -28.57 -10.83 23.74
C ASN A 166 -28.97 -12.03 22.88
N GLY A 167 -28.03 -12.57 22.09
CA GLY A 167 -28.23 -13.80 21.29
C GLY A 167 -29.24 -13.67 20.17
N VAL A 168 -29.62 -12.45 19.73
CA VAL A 168 -30.57 -12.32 18.58
C VAL A 168 -29.99 -11.31 17.58
N GLU A 169 -30.43 -11.44 16.33
CA GLU A 169 -30.14 -10.40 15.33
C GLU A 169 -30.83 -9.10 15.74
N GLY A 170 -30.24 -7.97 15.42
CA GLY A 170 -30.87 -6.68 15.70
C GLY A 170 -29.92 -5.56 15.40
N PHE A 171 -30.06 -4.48 16.13
CA PHE A 171 -29.27 -3.26 15.92
C PHE A 171 -27.79 -3.62 15.99
N ASN A 172 -27.12 -3.57 14.85
CA ASN A 172 -25.67 -3.82 14.74
C ASN A 172 -25.34 -5.20 15.29
N CYS A 173 -26.20 -6.19 15.10
CA CYS A 173 -26.06 -7.58 15.61
C CYS A 173 -26.46 -8.56 14.50
N TYR A 174 -25.50 -9.23 13.87
CA TYR A 174 -25.77 -9.94 12.62
C TYR A 174 -25.47 -11.43 12.76
N PHE A 175 -26.30 -12.27 12.14
CA PHE A 175 -25.98 -13.68 11.95
C PHE A 175 -24.68 -13.75 11.16
N PRO A 176 -23.69 -14.57 11.57
CA PRO A 176 -22.35 -14.44 10.98
C PRO A 176 -22.15 -15.17 9.66
N LEU A 177 -23.07 -16.04 9.27
CA LEU A 177 -22.97 -16.82 8.02
C LEU A 177 -23.91 -16.22 6.98
N GLN A 178 -23.48 -16.22 5.74
CA GLN A 178 -24.29 -15.68 4.62
C GLN A 178 -24.32 -16.77 3.54
N SER A 179 -25.40 -16.83 2.77
CA SER A 179 -25.51 -17.80 1.67
C SER A 179 -24.92 -17.22 0.40
N TYR A 180 -24.27 -18.05 -0.40
CA TYR A 180 -23.89 -17.67 -1.78
C TYR A 180 -25.09 -17.55 -2.73
N GLY A 181 -26.14 -18.31 -2.58
CA GLY A 181 -27.17 -18.15 -3.65
C GLY A 181 -26.58 -18.23 -5.08
N PHE A 182 -26.21 -19.42 -5.52
CA PHE A 182 -25.63 -19.70 -6.85
C PHE A 182 -26.78 -19.95 -7.83
N GLN A 183 -26.90 -19.08 -8.84
CA GLN A 183 -27.83 -19.28 -9.97
C GLN A 183 -27.00 -19.60 -11.19
N PRO A 184 -27.46 -20.51 -12.07
CA PRO A 184 -26.61 -21.00 -13.16
C PRO A 184 -26.28 -19.91 -14.19
N THR A 185 -27.07 -18.86 -14.14
CA THR A 185 -26.98 -17.68 -15.01
C THR A 185 -26.01 -16.62 -14.46
N ASN A 186 -25.44 -16.77 -13.24
CA ASN A 186 -24.43 -15.80 -12.71
C ASN A 186 -23.22 -15.71 -13.65
N GLY A 187 -22.51 -14.58 -13.61
CA GLY A 187 -21.13 -14.41 -14.10
C GLY A 187 -20.19 -15.43 -13.49
N VAL A 188 -19.09 -15.75 -14.13
CA VAL A 188 -18.19 -16.86 -13.67
C VAL A 188 -17.62 -16.53 -12.29
N GLY A 189 -17.33 -15.27 -12.00
CA GLY A 189 -16.79 -14.85 -10.69
C GLY A 189 -17.76 -15.17 -9.56
N TYR A 190 -19.06 -15.36 -9.86
CA TYR A 190 -20.16 -15.61 -8.89
C TYR A 190 -20.71 -17.02 -9.09
N GLN A 191 -20.03 -17.86 -9.89
CA GLN A 191 -20.42 -19.27 -10.02
C GLN A 191 -19.66 -20.10 -8.99
N PRO A 192 -20.20 -21.25 -8.61
CA PRO A 192 -19.57 -22.12 -7.62
C PRO A 192 -18.38 -22.86 -8.23
N TYR A 193 -17.31 -22.95 -7.42
CA TYR A 193 -16.06 -23.68 -7.72
C TYR A 193 -15.80 -24.64 -6.58
N ARG A 194 -15.57 -25.89 -6.95
CA ARG A 194 -15.14 -26.93 -6.00
C ARG A 194 -13.61 -26.83 -5.89
N VAL A 195 -13.15 -26.86 -4.66
CA VAL A 195 -11.72 -26.72 -4.34
C VAL A 195 -11.28 -27.92 -3.52
N VAL A 196 -10.12 -28.46 -3.92
CA VAL A 196 -9.37 -29.45 -3.13
C VAL A 196 -7.99 -28.87 -2.86
N VAL A 197 -7.67 -28.83 -1.57
CA VAL A 197 -6.31 -28.46 -1.11
C VAL A 197 -5.61 -29.76 -0.65
N LEU A 198 -4.51 -30.08 -1.32
CA LEU A 198 -3.65 -31.23 -0.88
C LEU A 198 -2.45 -30.69 -0.11
N SER A 199 -2.36 -31.03 1.17
CA SER A 199 -1.21 -30.69 2.05
C SER A 199 -0.23 -31.88 2.06
N PHE A 200 1.05 -31.62 1.81
CA PHE A 200 2.10 -32.68 1.80
C PHE A 200 3.00 -32.47 3.02
N GLU A 201 2.86 -33.35 4.00
CA GLU A 201 3.45 -33.14 5.33
C GLU A 201 4.69 -34.00 5.44
N LEU A 202 5.78 -33.43 5.96
CA LEU A 202 7.06 -34.11 6.28
C LEU A 202 7.28 -33.93 7.77
N LEU A 203 7.01 -34.97 8.55
CA LEU A 203 7.37 -35.00 9.99
C LEU A 203 8.65 -35.82 10.15
N HIS A 204 9.33 -35.68 11.29
CA HIS A 204 10.46 -36.56 11.70
C HIS A 204 9.83 -37.88 12.15
N ALA A 205 9.40 -38.69 11.16
CA ALA A 205 8.61 -39.93 11.28
C ALA A 205 8.63 -40.64 9.93
N PRO A 206 8.33 -41.95 9.83
CA PRO A 206 8.41 -42.64 8.54
C PRO A 206 7.43 -42.06 7.51
N ALA A 207 7.86 -41.96 6.24
CA ALA A 207 6.99 -41.67 5.07
C ALA A 207 5.98 -42.79 4.97
N THR A 208 4.71 -42.49 4.69
CA THR A 208 3.65 -43.52 4.50
C THR A 208 2.85 -43.25 3.20
N VAL A 209 3.06 -42.09 2.54
CA VAL A 209 2.40 -41.81 1.24
C VAL A 209 3.47 -41.48 0.22
N CYS A 210 3.64 -42.39 -0.74
CA CYS A 210 4.68 -42.37 -1.79
C CYS A 210 4.03 -42.42 -3.18
N GLY A 211 4.66 -41.80 -4.17
CA GLY A 211 4.34 -42.01 -5.60
C GLY A 211 4.80 -43.40 -6.04
N PRO A 212 4.37 -43.90 -7.22
CA PRO A 212 4.76 -45.22 -7.70
C PRO A 212 6.27 -45.55 -7.75
N GLN B 1 -2.13 -9.53 7.25
CA GLN B 1 -1.76 -8.83 8.47
C GLN B 1 -0.24 -8.57 8.45
N LEU B 2 0.38 -8.83 7.32
CA LEU B 2 1.83 -8.51 7.17
C LEU B 2 1.99 -6.99 7.20
N GLN B 3 2.98 -6.54 7.96
CA GLN B 3 3.42 -5.15 7.94
C GLN B 3 4.95 -5.11 7.77
N LEU B 4 5.40 -4.18 6.94
CA LEU B 4 6.83 -3.99 6.63
C LEU B 4 7.23 -2.58 7.02
N GLN B 5 8.36 -2.44 7.66
CA GLN B 5 8.87 -1.14 8.17
C GLN B 5 10.34 -0.96 7.83
N GLU B 6 10.57 -0.03 6.93
CA GLU B 6 11.94 0.39 6.53
C GLU B 6 12.61 1.19 7.65
N SER B 7 13.93 1.07 7.72
CA SER B 7 14.76 1.95 8.54
C SER B 7 16.02 2.25 7.77
N GLY B 8 16.40 3.52 7.79
CA GLY B 8 17.58 4.00 7.03
C GLY B 8 18.21 5.19 7.71
N PRO B 9 19.33 5.72 7.17
CA PRO B 9 20.07 6.78 7.85
C PRO B 9 19.64 8.21 7.50
N GLY B 10 18.70 8.36 6.59
CA GLY B 10 18.21 9.65 6.09
C GLY B 10 19.16 10.25 5.08
N LEU B 11 20.46 10.14 5.38
CA LEU B 11 21.58 10.77 4.66
C LEU B 11 22.67 9.75 4.39
N VAL B 12 23.33 9.93 3.29
CA VAL B 12 24.59 9.20 2.97
C VAL B 12 25.46 10.12 2.11
N LYS B 13 26.76 10.05 2.31
CA LYS B 13 27.69 10.85 1.50
C LYS B 13 28.02 10.16 0.20
N PRO B 14 28.27 10.92 -0.87
CA PRO B 14 28.68 10.37 -2.12
C PRO B 14 29.93 9.50 -1.93
N SER B 15 29.93 8.36 -2.59
CA SER B 15 30.98 7.32 -2.57
C SER B 15 30.85 6.40 -1.34
N GLU B 16 30.06 6.71 -0.33
CA GLU B 16 29.87 5.84 0.85
C GLU B 16 28.79 4.79 0.51
N THR B 17 28.56 3.89 1.46
CA THR B 17 27.64 2.76 1.28
C THR B 17 26.36 3.07 2.00
N LEU B 18 25.25 2.89 1.29
CA LEU B 18 23.92 2.99 1.91
C LEU B 18 23.52 1.63 2.49
N SER B 19 23.03 1.60 3.71
CA SER B 19 22.50 0.37 4.36
C SER B 19 21.08 0.66 4.83
N LEU B 20 20.15 -0.14 4.36
CA LEU B 20 18.74 -0.07 4.81
C LEU B 20 18.30 -1.39 5.40
N THR B 21 17.34 -1.34 6.30
CA THR B 21 16.78 -2.55 6.91
C THR B 21 15.25 -2.51 6.77
N CYS B 22 14.64 -3.67 6.58
CA CYS B 22 13.17 -3.83 6.59
C CYS B 22 12.83 -4.81 7.70
N THR B 23 12.02 -4.36 8.65
CA THR B 23 11.56 -5.23 9.75
C THR B 23 10.13 -5.69 9.46
N VAL B 24 9.93 -6.97 9.48
CA VAL B 24 8.68 -7.64 9.12
C VAL B 24 7.92 -7.97 10.41
N SER B 25 6.63 -7.75 10.37
CA SER B 25 5.74 -8.24 11.45
C SER B 25 4.49 -8.84 10.79
N GLY B 26 3.90 -9.81 11.46
CA GLY B 26 2.72 -10.49 10.93
C GLY B 26 3.07 -11.51 9.88
N GLY B 27 4.32 -11.97 9.88
CA GLY B 27 4.79 -13.00 8.96
C GLY B 27 6.26 -13.27 9.26
N SER B 28 6.76 -14.41 8.80
CA SER B 28 8.17 -14.81 9.03
C SER B 28 8.98 -14.62 7.76
N ILE B 29 10.11 -13.97 7.91
CA ILE B 29 11.08 -13.77 6.80
C ILE B 29 11.67 -15.11 6.37
N SER B 30 11.58 -16.18 7.18
CA SER B 30 12.18 -17.47 6.77
C SER B 30 11.25 -18.29 5.88
N SER B 31 10.04 -17.81 5.55
CA SER B 31 9.08 -18.59 4.75
C SER B 31 9.68 -18.97 3.40
N SER B 32 9.52 -20.22 2.94
CA SER B 32 10.05 -20.66 1.63
C SER B 32 9.15 -20.23 0.46
N ASN B 33 7.96 -19.66 0.74
CA ASN B 33 7.02 -19.35 -0.37
C ASN B 33 7.13 -17.93 -0.89
N PHE B 34 7.95 -17.08 -0.29
CA PHE B 34 7.98 -15.65 -0.66
C PHE B 34 9.38 -15.17 -0.96
N TYR B 35 9.45 -14.14 -1.80
CA TYR B 35 10.60 -13.24 -2.00
C TYR B 35 10.30 -11.92 -1.34
N TRP B 36 11.37 -11.20 -1.06
CA TRP B 36 11.38 -9.95 -0.30
C TRP B 36 12.30 -9.04 -1.09
N GLY B 37 11.82 -7.88 -1.46
CA GLY B 37 12.60 -7.01 -2.33
C GLY B 37 12.57 -5.56 -1.98
N TRP B 38 13.36 -4.82 -2.75
CA TRP B 38 13.54 -3.38 -2.60
C TRP B 38 13.21 -2.70 -3.93
N ILE B 39 12.42 -1.64 -3.83
CA ILE B 39 12.00 -0.81 -4.99
C ILE B 39 12.29 0.63 -4.60
N ARG B 40 12.80 1.45 -5.49
CA ARG B 40 13.02 2.85 -5.16
C ARG B 40 12.41 3.81 -6.19
N GLN B 41 12.28 5.04 -5.73
CA GLN B 41 11.57 6.11 -6.46
C GLN B 41 12.28 7.44 -6.22
N PRO B 42 13.14 7.85 -7.19
CA PRO B 42 13.74 9.17 -7.07
C PRO B 42 12.66 10.25 -7.01
N PRO B 43 12.96 11.42 -6.41
CA PRO B 43 12.01 12.54 -6.34
C PRO B 43 11.38 12.91 -7.70
N GLY B 44 10.04 12.88 -7.72
CA GLY B 44 9.21 13.17 -8.90
C GLY B 44 9.37 12.17 -10.03
N LYS B 45 9.92 10.97 -9.81
CA LYS B 45 10.14 10.00 -10.89
C LYS B 45 9.42 8.68 -10.58
N GLY B 46 9.65 7.71 -11.45
CA GLY B 46 8.97 6.42 -11.44
C GLY B 46 9.65 5.41 -10.53
N LEU B 47 9.10 4.21 -10.53
CA LEU B 47 9.55 3.08 -9.70
C LEU B 47 10.64 2.31 -10.43
N GLU B 48 11.59 1.76 -9.64
CA GLU B 48 12.71 0.91 -10.13
C GLU B 48 12.91 -0.23 -9.13
N TRP B 49 12.86 -1.46 -9.60
CA TRP B 49 13.22 -2.63 -8.79
C TRP B 49 14.74 -2.74 -8.64
N ILE B 50 15.16 -3.02 -7.43
CA ILE B 50 16.62 -3.18 -7.11
C ILE B 50 17.03 -4.65 -7.05
N ALA B 51 16.39 -5.44 -6.21
CA ALA B 51 16.76 -6.84 -5.93
C ALA B 51 15.69 -7.49 -5.09
N SER B 52 15.66 -8.82 -5.13
CA SER B 52 14.81 -9.63 -4.25
C SER B 52 15.58 -10.82 -3.72
N ILE B 53 15.18 -11.35 -2.60
CA ILE B 53 15.84 -12.51 -1.96
C ILE B 53 14.78 -13.40 -1.36
N THR B 54 15.10 -14.68 -1.16
CA THR B 54 14.32 -15.58 -0.31
C THR B 54 15.31 -16.27 0.64
N TYR B 55 14.84 -16.75 1.78
CA TYR B 55 15.71 -17.24 2.87
C TYR B 55 16.62 -18.34 2.36
N SER B 56 16.15 -19.23 1.52
CA SER B 56 17.00 -20.33 0.99
C SER B 56 18.28 -19.79 0.35
N GLY B 57 18.27 -18.52 -0.07
CA GLY B 57 19.44 -17.71 -0.44
C GLY B 57 19.39 -17.31 -1.91
N ARG B 58 18.43 -17.84 -2.66
CA ARG B 58 18.31 -17.44 -4.07
C ARG B 58 17.98 -15.93 -4.15
N THR B 59 18.74 -15.23 -4.97
CA THR B 59 18.71 -13.77 -5.12
C THR B 59 18.58 -13.40 -6.59
N PHE B 60 17.85 -12.33 -6.83
CA PHE B 60 17.66 -11.73 -8.15
C PHE B 60 18.01 -10.25 -8.08
N TYR B 61 18.67 -9.76 -9.11
CA TYR B 61 19.17 -8.38 -9.12
C TYR B 61 18.82 -7.67 -10.42
N ASN B 62 18.54 -6.37 -10.30
CA ASN B 62 18.46 -5.43 -11.44
C ASN B 62 19.85 -5.43 -12.06
N PRO B 63 20.03 -5.90 -13.29
CA PRO B 63 21.38 -5.96 -13.84
C PRO B 63 22.12 -4.63 -13.86
N SER B 64 21.46 -3.49 -13.95
CA SER B 64 22.16 -2.20 -14.03
C SER B 64 22.75 -1.80 -12.67
N LEU B 65 22.22 -2.32 -11.56
CA LEU B 65 22.68 -1.97 -10.21
C LEU B 65 23.49 -3.12 -9.59
N LYS B 66 23.45 -4.30 -10.17
CA LYS B 66 23.83 -5.57 -9.52
C LYS B 66 25.19 -5.46 -8.84
N SER B 67 26.16 -4.87 -9.52
CA SER B 67 27.55 -4.97 -9.00
C SER B 67 27.70 -4.16 -7.70
N ARG B 68 26.80 -3.22 -7.38
CA ARG B 68 26.84 -2.35 -6.18
C ARG B 68 25.88 -2.81 -5.08
N VAL B 69 25.20 -3.92 -5.32
CA VAL B 69 24.08 -4.38 -4.42
C VAL B 69 24.50 -5.59 -3.62
N ALA B 70 24.13 -5.59 -2.34
CA ALA B 70 24.04 -6.82 -1.57
C ALA B 70 22.69 -6.80 -0.86
N ILE B 71 22.11 -7.97 -0.76
CA ILE B 71 20.79 -8.13 -0.09
C ILE B 71 20.93 -9.37 0.78
N SER B 72 20.35 -9.32 1.98
CA SER B 72 20.55 -10.40 2.96
C SER B 72 19.35 -10.47 3.89
N VAL B 73 19.23 -11.61 4.56
CA VAL B 73 18.14 -11.91 5.51
C VAL B 73 18.73 -12.19 6.90
N ASP B 74 18.04 -11.78 7.95
CA ASP B 74 18.38 -12.05 9.38
C ASP B 74 17.12 -12.60 10.08
N THR B 75 16.98 -13.92 10.17
CA THR B 75 15.68 -14.50 10.62
C THR B 75 15.43 -14.16 12.09
N SER B 76 16.45 -14.10 12.93
CA SER B 76 16.21 -13.94 14.37
C SER B 76 15.69 -12.52 14.65
N LYS B 77 15.94 -11.54 13.78
CA LYS B 77 15.40 -10.19 13.90
C LYS B 77 14.20 -9.98 12.98
N ASN B 78 13.86 -10.98 12.20
CA ASN B 78 12.74 -10.94 11.21
C ASN B 78 12.97 -9.75 10.26
N GLN B 79 14.19 -9.65 9.74
CA GLN B 79 14.62 -8.51 8.93
C GLN B 79 15.22 -8.97 7.62
N PHE B 80 15.19 -8.09 6.63
CA PHE B 80 16.06 -8.21 5.45
C PHE B 80 16.64 -6.85 5.16
N SER B 81 17.75 -6.81 4.47
CA SER B 81 18.53 -5.57 4.34
CA SER B 81 18.57 -5.59 4.35
C SER B 81 19.01 -5.38 2.91
N LEU B 82 19.39 -4.15 2.64
CA LEU B 82 19.95 -3.69 1.36
C LEU B 82 21.25 -2.98 1.65
N LYS B 83 22.24 -3.30 0.87
CA LYS B 83 23.50 -2.52 0.82
C LYS B 83 23.70 -2.02 -0.59
N LEU B 84 23.99 -0.74 -0.76
CA LEU B 84 24.26 -0.13 -2.08
C LEU B 84 25.58 0.61 -1.94
N SER B 85 26.63 0.07 -2.56
CA SER B 85 27.97 0.68 -2.46
C SER B 85 28.11 1.87 -3.40
N SER B 86 29.11 2.70 -3.12
CA SER B 86 29.54 3.84 -3.94
C SER B 86 28.33 4.65 -4.39
N VAL B 87 27.61 5.21 -3.46
CA VAL B 87 26.39 5.95 -3.89
C VAL B 87 26.77 7.25 -4.60
N THR B 88 25.86 7.65 -5.50
CA THR B 88 25.94 8.98 -6.17
C THR B 88 24.61 9.70 -5.99
N ALA B 89 24.51 10.92 -6.50
CA ALA B 89 23.27 11.71 -6.48
C ALA B 89 22.13 10.94 -7.10
N ALA B 90 22.40 10.02 -8.04
CA ALA B 90 21.38 9.21 -8.71
C ALA B 90 20.70 8.31 -7.71
N ASP B 91 21.30 8.07 -6.54
CA ASP B 91 20.71 7.11 -5.56
C ASP B 91 19.81 7.82 -4.59
N THR B 92 19.64 9.14 -4.64
CA THR B 92 18.66 9.87 -3.80
C THR B 92 17.25 9.40 -4.24
N ALA B 93 16.52 8.87 -3.29
CA ALA B 93 15.22 8.24 -3.58
C ALA B 93 14.51 7.93 -2.28
N VAL B 94 13.22 7.62 -2.43
CA VAL B 94 12.46 6.85 -1.41
C VAL B 94 12.68 5.38 -1.74
N TYR B 95 13.04 4.61 -0.73
CA TYR B 95 13.28 3.17 -0.87
C TYR B 95 12.14 2.45 -0.15
N TYR B 96 11.49 1.54 -0.86
CA TYR B 96 10.42 0.71 -0.31
C TYR B 96 10.87 -0.74 -0.19
N CYS B 97 10.55 -1.39 0.94
CA CYS B 97 10.64 -2.86 1.00
C CYS B 97 9.28 -3.44 0.68
N ALA B 98 9.25 -4.67 0.23
CA ALA B 98 7.98 -5.29 -0.19
C ALA B 98 8.12 -6.81 -0.20
N ARG B 99 7.00 -7.48 0.03
CA ARG B 99 6.92 -8.96 -0.10
C ARG B 99 6.22 -9.29 -1.41
N THR B 100 6.80 -10.21 -2.16
CA THR B 100 6.24 -10.65 -3.45
C THR B 100 5.01 -11.52 -3.25
N PHE B 101 4.25 -11.67 -4.31
CA PHE B 101 3.28 -12.78 -4.39
C PHE B 101 4.05 -14.09 -4.24
N PRO B 102 3.41 -15.12 -3.69
CA PRO B 102 4.08 -16.38 -3.41
C PRO B 102 4.51 -17.12 -4.67
N SER B 103 5.60 -17.86 -4.51
CA SER B 103 6.16 -18.68 -5.62
C SER B 103 5.25 -19.89 -5.76
N TYR B 104 5.11 -20.41 -6.96
CA TYR B 104 4.34 -21.65 -7.15
C TYR B 104 4.72 -22.28 -8.48
N TYR B 105 4.29 -23.54 -8.58
CA TYR B 105 4.39 -24.32 -9.81
C TYR B 105 3.00 -24.50 -10.40
N ASP B 106 2.87 -24.39 -11.73
CA ASP B 106 1.58 -24.71 -12.39
C ASP B 106 1.53 -26.22 -12.67
N ARG B 107 0.41 -26.66 -13.22
CA ARG B 107 0.15 -28.11 -13.47
C ARG B 107 1.25 -28.71 -14.36
N SER B 108 1.86 -27.92 -15.25
CA SER B 108 2.90 -28.39 -16.19
C SER B 108 4.29 -28.38 -15.54
N GLY B 109 4.40 -27.91 -14.28
CA GLY B 109 5.66 -27.90 -13.56
C GLY B 109 6.53 -26.67 -13.81
N TYR B 110 5.99 -25.65 -14.47
N TYR B 110 5.99 -25.62 -14.44
CA TYR B 110 6.63 -24.31 -14.64
CA TYR B 110 6.66 -24.31 -14.67
C TYR B 110 6.62 -23.61 -13.28
C TYR B 110 6.58 -23.47 -13.38
N HIS B 111 7.72 -22.93 -12.96
CA HIS B 111 7.92 -22.24 -11.65
C HIS B 111 7.73 -20.72 -11.85
N TYR B 112 6.80 -20.15 -11.10
CA TYR B 112 6.60 -18.69 -11.08
C TYR B 112 7.07 -18.17 -9.72
N LEU B 113 7.93 -17.15 -9.76
CA LEU B 113 8.55 -16.61 -8.54
C LEU B 113 9.03 -15.19 -8.79
N ASN B 114 8.99 -14.40 -7.72
CA ASN B 114 9.55 -13.04 -7.75
C ASN B 114 9.03 -12.27 -8.96
N TYR B 115 7.72 -12.23 -9.16
CA TYR B 115 7.15 -11.59 -10.37
C TYR B 115 6.43 -10.27 -10.08
N GLY B 116 6.04 -10.02 -8.83
CA GLY B 116 5.33 -8.77 -8.53
C GLY B 116 5.23 -8.58 -7.03
N MET B 117 4.99 -7.35 -6.60
CA MET B 117 4.87 -7.04 -5.17
C MET B 117 3.41 -7.11 -4.73
N ASP B 118 3.24 -7.71 -3.57
CA ASP B 118 1.93 -7.89 -2.92
C ASP B 118 1.79 -6.85 -1.82
N VAL B 119 2.66 -6.89 -0.85
CA VAL B 119 2.56 -6.03 0.37
C VAL B 119 3.72 -5.06 0.31
N TRP B 120 3.45 -3.77 0.41
CA TRP B 120 4.45 -2.72 0.40
C TRP B 120 4.70 -2.12 1.77
N GLY B 121 5.94 -1.73 2.03
CA GLY B 121 6.28 -0.93 3.21
C GLY B 121 5.87 0.52 3.09
N GLN B 122 6.39 1.32 4.03
CA GLN B 122 6.06 2.74 4.23
C GLN B 122 6.99 3.65 3.42
N GLY B 123 8.13 3.13 2.98
CA GLY B 123 9.18 3.93 2.38
C GLY B 123 10.11 4.56 3.42
N THR B 124 11.39 4.64 3.10
CA THR B 124 12.36 5.47 3.84
C THR B 124 13.01 6.40 2.84
N THR B 125 13.09 7.68 3.17
CA THR B 125 13.70 8.68 2.27
C THR B 125 15.22 8.71 2.48
N VAL B 126 15.95 8.64 1.40
CA VAL B 126 17.42 8.70 1.41
C VAL B 126 17.82 9.88 0.55
N THR B 127 18.61 10.79 1.13
CA THR B 127 19.19 11.93 0.40
C THR B 127 20.73 11.79 0.41
N VAL B 128 21.31 11.76 -0.77
CA VAL B 128 22.79 11.74 -0.94
C VAL B 128 23.26 13.20 -0.80
N SER B 129 24.18 13.41 0.13
CA SER B 129 24.60 14.80 0.49
C SER B 129 26.01 14.76 1.05
N SER B 130 26.75 15.87 0.88
CA SER B 130 28.00 16.11 1.61
C SER B 130 27.74 16.51 3.07
N ALA B 131 26.55 17.02 3.41
CA ALA B 131 26.24 17.62 4.72
C ALA B 131 25.74 16.58 5.71
N SER B 132 25.93 16.84 6.99
CA SER B 132 25.36 16.04 8.10
C SER B 132 23.92 16.52 8.35
N THR B 133 23.23 15.79 9.21
CA THR B 133 21.84 16.11 9.59
CA THR B 133 21.86 16.11 9.62
C THR B 133 21.84 17.44 10.34
N LYS B 134 20.73 18.13 10.25
CA LYS B 134 20.50 19.38 11.00
C LYS B 134 19.10 19.23 11.57
N GLY B 135 18.93 19.26 12.88
CA GLY B 135 17.59 19.08 13.47
C GLY B 135 16.79 20.37 13.40
N PRO B 136 15.45 20.28 13.50
CA PRO B 136 14.59 21.47 13.41
C PRO B 136 14.59 22.32 14.68
N SER B 137 14.22 23.57 14.48
CA SER B 137 13.84 24.52 15.56
C SER B 137 12.33 24.67 15.46
N VAL B 138 11.61 24.48 16.54
CA VAL B 138 10.13 24.44 16.56
C VAL B 138 9.63 25.67 17.33
N PHE B 139 8.72 26.40 16.70
CA PHE B 139 8.11 27.62 17.25
C PHE B 139 6.60 27.48 17.25
N PRO B 140 5.89 28.02 18.27
CA PRO B 140 4.45 27.94 18.28
C PRO B 140 3.85 28.98 17.35
N LEU B 141 2.71 28.63 16.72
CA LEU B 141 1.89 29.56 15.92
C LEU B 141 0.58 29.78 16.69
N ALA B 142 0.54 30.81 17.52
CA ALA B 142 -0.54 31.01 18.52
C ALA B 142 -1.80 31.42 17.81
N PRO B 143 -2.96 30.90 18.29
CA PRO B 143 -4.26 31.35 17.82
C PRO B 143 -4.57 32.72 18.43
N SER B 144 -5.35 33.54 17.74
CA SER B 144 -5.97 34.80 18.23
C SER B 144 -7.40 34.50 18.70
N GLY B 151 -16.21 30.67 15.91
CA GLY B 151 -16.47 29.22 15.98
C GLY B 151 -15.17 28.46 16.16
N THR B 152 -14.24 28.61 15.22
CA THR B 152 -12.99 27.80 15.17
C THR B 152 -11.77 28.72 15.23
N ALA B 153 -10.66 28.17 15.70
CA ALA B 153 -9.38 28.88 15.71
C ALA B 153 -8.34 27.93 15.11
N ALA B 154 -7.37 28.53 14.42
CA ALA B 154 -6.20 27.87 13.82
C ALA B 154 -4.98 28.13 14.69
N LEU B 155 -4.34 27.06 15.13
CA LEU B 155 -3.09 27.13 15.91
C LEU B 155 -2.12 26.14 15.29
N GLY B 156 -0.85 26.36 15.49
CA GLY B 156 0.09 25.50 14.76
C GLY B 156 1.46 25.51 15.34
N CYS B 157 2.35 24.80 14.65
CA CYS B 157 3.77 24.72 14.99
C CYS B 157 4.55 24.94 13.69
N LEU B 158 5.55 25.79 13.77
CA LEU B 158 6.50 26.07 12.66
C LEU B 158 7.74 25.24 12.93
N VAL B 159 8.14 24.43 11.97
CA VAL B 159 9.27 23.49 12.12
C VAL B 159 10.33 23.98 11.15
N LYS B 160 11.35 24.66 11.66
CA LYS B 160 12.25 25.45 10.78
C LYS B 160 13.62 24.80 10.64
N ASP B 161 14.14 24.88 9.42
CA ASP B 161 15.58 24.80 9.11
C ASP B 161 16.13 23.42 9.47
N TYR B 162 15.56 22.34 8.94
CA TYR B 162 16.05 20.97 9.18
C TYR B 162 16.55 20.39 7.88
N PHE B 163 17.33 19.31 8.00
CA PHE B 163 17.84 18.58 6.87
C PHE B 163 18.25 17.17 7.31
N PRO B 164 17.94 16.10 6.57
CA PRO B 164 17.09 16.10 5.37
C PRO B 164 15.63 15.83 5.72
N GLU B 165 14.82 15.55 4.69
CA GLU B 165 13.41 15.13 4.90
C GLU B 165 13.43 13.70 5.42
N PRO B 166 12.37 13.26 6.09
CA PRO B 166 11.22 14.07 6.47
C PRO B 166 11.16 14.43 7.95
N VAL B 167 10.15 15.22 8.29
CA VAL B 167 9.67 15.37 9.69
C VAL B 167 8.25 14.88 9.74
N THR B 168 7.85 14.42 10.90
CA THR B 168 6.43 14.12 11.19
C THR B 168 5.98 14.98 12.36
N VAL B 169 4.73 15.35 12.35
CA VAL B 169 4.09 16.11 13.45
C VAL B 169 2.83 15.38 13.90
N SER B 170 2.72 15.15 15.20
CA SER B 170 1.44 14.74 15.81
C SER B 170 1.01 15.83 16.80
N TRP B 171 -0.24 15.76 17.24
CA TRP B 171 -0.81 16.73 18.20
C TRP B 171 -1.31 15.90 19.40
N ASN B 172 -0.87 16.27 20.59
CA ASN B 172 -1.33 15.69 21.87
C ASN B 172 -1.01 14.20 21.83
N SER B 173 0.16 13.87 21.30
CA SER B 173 0.71 12.50 21.24
C SER B 173 -0.20 11.57 20.45
N GLY B 174 -0.93 12.08 19.47
CA GLY B 174 -1.74 11.30 18.51
C GLY B 174 -3.21 11.29 18.90
N ALA B 175 -3.52 11.88 20.05
CA ALA B 175 -4.89 11.97 20.62
C ALA B 175 -5.72 12.97 19.81
N LEU B 176 -5.09 13.97 19.20
CA LEU B 176 -5.83 14.98 18.40
C LEU B 176 -5.50 14.74 16.92
N THR B 177 -6.46 14.31 16.12
CA THR B 177 -6.24 13.98 14.69
C THR B 177 -7.21 14.77 13.82
N SER B 178 -8.39 15.09 14.33
CA SER B 178 -9.42 15.87 13.61
C SER B 178 -8.94 17.30 13.43
N GLY B 179 -8.99 17.80 12.20
CA GLY B 179 -8.70 19.21 11.91
C GLY B 179 -7.19 19.45 11.83
N VAL B 180 -6.38 18.40 11.82
CA VAL B 180 -4.88 18.51 11.70
C VAL B 180 -4.51 18.59 10.23
N HIS B 181 -3.71 19.59 9.88
CA HIS B 181 -3.17 19.71 8.50
C HIS B 181 -1.67 20.00 8.61
N THR B 182 -0.84 19.04 8.25
CA THR B 182 0.62 19.22 8.18
C THR B 182 0.93 19.49 6.71
N PHE B 183 1.47 20.68 6.44
CA PHE B 183 1.74 21.14 5.08
C PHE B 183 3.04 20.56 4.58
N PRO B 184 3.13 20.25 3.29
CA PRO B 184 4.40 19.88 2.69
C PRO B 184 5.45 20.97 2.94
N ALA B 185 6.68 20.52 3.10
CA ALA B 185 7.80 21.42 3.42
C ALA B 185 8.16 22.29 2.23
N VAL B 186 8.70 23.47 2.56
CA VAL B 186 9.42 24.32 1.59
C VAL B 186 10.90 23.93 1.59
N LEU B 187 11.47 23.85 0.39
CA LEU B 187 12.93 23.69 0.23
C LEU B 187 13.45 25.12 0.07
N GLN B 188 14.18 25.59 1.08
CA GLN B 188 14.78 26.95 1.09
C GLN B 188 15.93 27.01 0.08
N SER B 189 16.25 28.21 -0.36
CA SER B 189 17.45 28.44 -1.21
C SER B 189 18.73 27.88 -0.55
N SER B 190 18.83 27.88 0.78
CA SER B 190 19.94 27.35 1.61
C SER B 190 20.06 25.84 1.50
N GLY B 191 18.98 25.17 1.07
CA GLY B 191 18.89 23.71 1.02
C GLY B 191 18.33 23.09 2.28
N LEU B 192 17.99 23.89 3.28
CA LEU B 192 17.24 23.41 4.46
C LEU B 192 15.75 23.40 4.15
N TYR B 193 15.00 22.63 4.88
CA TYR B 193 13.53 22.56 4.82
C TYR B 193 12.91 23.26 6.00
N SER B 194 11.69 23.76 5.77
CA SER B 194 10.78 24.18 6.84
C SER B 194 9.38 23.71 6.51
N LEU B 195 8.63 23.35 7.54
CA LEU B 195 7.18 23.13 7.31
C LEU B 195 6.36 23.66 8.47
N SER B 196 5.05 23.70 8.29
CA SER B 196 4.10 24.07 9.37
C SER B 196 3.02 23.00 9.49
N SER B 197 2.57 22.79 10.71
CA SER B 197 1.42 21.92 11.02
C SER B 197 0.37 22.79 11.74
N VAL B 198 -0.86 22.77 11.28
CA VAL B 198 -1.95 23.64 11.85
C VAL B 198 -3.11 22.73 12.24
N VAL B 199 -3.65 22.96 13.42
CA VAL B 199 -4.90 22.26 13.83
C VAL B 199 -5.99 23.32 14.01
N THR B 200 -7.19 23.04 13.47
CA THR B 200 -8.39 23.89 13.60
C THR B 200 -9.26 23.31 14.72
N VAL B 201 -9.54 24.10 15.75
CA VAL B 201 -10.19 23.61 17.00
C VAL B 201 -11.31 24.58 17.36
N PRO B 202 -12.25 24.21 18.25
CA PRO B 202 -13.27 25.16 18.66
C PRO B 202 -12.64 26.30 19.49
N SER B 203 -13.02 27.55 19.23
CA SER B 203 -12.54 28.74 19.99
C SER B 203 -12.80 28.57 21.48
N SER B 204 -13.88 27.90 21.85
CA SER B 204 -14.31 27.75 23.26
C SER B 204 -13.37 26.81 24.01
N SER B 205 -12.58 26.00 23.31
CA SER B 205 -11.67 24.99 23.94
C SER B 205 -10.42 25.70 24.46
N LEU B 206 -10.12 26.90 23.97
CA LEU B 206 -8.76 27.51 24.04
C LEU B 206 -8.41 27.88 25.49
N GLY B 207 -9.39 28.19 26.34
CA GLY B 207 -9.13 28.44 27.78
C GLY B 207 -8.61 27.22 28.51
N THR B 208 -9.10 26.03 28.17
CA THR B 208 -9.10 24.83 29.05
C THR B 208 -8.35 23.63 28.41
N GLN B 209 -8.43 23.44 27.09
CA GLN B 209 -7.74 22.33 26.37
C GLN B 209 -6.27 22.71 26.10
N THR B 210 -5.33 21.83 26.42
CA THR B 210 -3.89 22.01 26.13
C THR B 210 -3.60 21.46 24.72
N TYR B 211 -2.78 22.18 23.94
CA TYR B 211 -2.40 21.76 22.56
C TYR B 211 -0.88 21.72 22.47
N ILE B 212 -0.34 20.56 22.19
CA ILE B 212 1.12 20.35 22.12
C ILE B 212 1.42 19.70 20.77
N CYS B 213 2.35 20.25 19.99
CA CYS B 213 2.81 19.54 18.78
C CYS B 213 4.03 18.72 19.13
N ASN B 214 4.07 17.51 18.59
CA ASN B 214 5.12 16.50 18.80
C ASN B 214 5.82 16.33 17.46
N VAL B 215 7.04 16.83 17.38
CA VAL B 215 7.79 16.93 16.11
C VAL B 215 8.89 15.88 16.18
N ASN B 216 8.97 15.03 15.18
CA ASN B 216 10.02 13.98 15.11
C ASN B 216 10.82 14.20 13.85
N HIS B 217 12.14 14.25 13.99
CA HIS B 217 13.05 14.23 12.83
C HIS B 217 14.00 13.05 13.02
N LYS B 218 13.66 11.90 12.43
CA LYS B 218 14.39 10.64 12.76
C LYS B 218 15.85 10.80 12.34
N PRO B 219 16.20 11.46 11.21
CA PRO B 219 17.61 11.47 10.81
C PRO B 219 18.53 12.13 11.85
N SER B 220 18.03 13.09 12.64
CA SER B 220 18.84 13.76 13.68
C SER B 220 18.49 13.17 15.06
N ASN B 221 17.64 12.15 15.09
CA ASN B 221 17.08 11.61 16.36
C ASN B 221 16.55 12.76 17.25
N THR B 222 15.89 13.75 16.64
CA THR B 222 15.28 14.89 17.35
C THR B 222 13.80 14.58 17.60
N LYS B 223 13.38 14.76 18.85
CA LYS B 223 11.97 14.79 19.27
C LYS B 223 11.79 16.07 20.09
N VAL B 224 10.81 16.86 19.71
CA VAL B 224 10.51 18.17 20.34
C VAL B 224 9.00 18.23 20.52
N ASP B 225 8.58 18.56 21.75
CA ASP B 225 7.18 18.84 22.12
C ASP B 225 7.12 20.34 22.32
N LYS B 226 6.16 20.99 21.69
CA LYS B 226 6.01 22.45 21.89
C LYS B 226 4.57 22.71 22.27
N LYS B 227 4.36 23.33 23.43
CA LYS B 227 3.01 23.76 23.85
C LYS B 227 2.64 25.04 23.10
N VAL B 228 1.46 25.09 22.54
CA VAL B 228 0.95 26.25 21.78
C VAL B 228 -0.16 26.91 22.59
N GLU B 229 0.11 28.14 23.04
CA GLU B 229 -0.77 28.86 23.99
C GLU B 229 -1.41 30.02 23.28
N PRO B 230 -2.71 30.28 23.56
CA PRO B 230 -3.43 31.40 22.96
C PRO B 230 -2.76 32.75 23.25
N LYS B 231 -2.91 33.68 22.31
CA LYS B 231 -2.43 35.09 22.49
C LYS B 231 -3.39 35.76 23.47
N SER B 232 -2.91 36.73 24.26
CA SER B 232 -3.73 37.59 25.16
C SER B 232 -3.22 39.04 25.08
N CYS B 233 -3.81 39.83 24.17
CA CYS B 233 -3.32 41.17 23.74
C CYS B 233 -3.29 42.17 24.90
N ASN C 1 16.54 -4.66 -21.28
CA ASN C 1 15.29 -5.44 -21.44
C ASN C 1 14.24 -4.59 -22.16
N PHE C 2 13.03 -5.10 -22.29
CA PHE C 2 11.90 -4.44 -22.96
C PHE C 2 11.44 -3.23 -22.15
N MET C 3 10.69 -2.36 -22.83
CA MET C 3 10.03 -1.14 -22.31
C MET C 3 8.54 -1.46 -22.16
N LEU C 4 7.93 -0.86 -21.15
CA LEU C 4 6.46 -0.78 -21.00
C LEU C 4 6.06 0.69 -21.12
N THR C 5 5.28 1.02 -22.15
CA THR C 5 4.91 2.42 -22.39
C THR C 5 3.44 2.69 -21.99
N GLN C 6 3.27 3.69 -21.14
CA GLN C 6 1.95 4.10 -20.62
C GLN C 6 1.74 5.52 -21.07
N PRO C 7 0.47 5.97 -21.19
CA PRO C 7 0.25 7.39 -21.39
C PRO C 7 0.69 8.17 -20.16
N HIS C 8 1.28 9.35 -20.33
CA HIS C 8 1.79 10.13 -19.18
CA HIS C 8 1.79 10.17 -19.19
C HIS C 8 0.62 10.63 -18.31
N SER C 9 -0.48 11.05 -18.91
CA SER C 9 -1.59 11.73 -18.20
C SER C 9 -2.91 11.37 -18.83
N MET C 10 -3.95 11.18 -18.01
CA MET C 10 -5.34 10.97 -18.49
C MET C 10 -6.29 11.67 -17.54
N SER C 11 -7.41 12.17 -18.10
CA SER C 11 -8.52 12.81 -17.35
C SER C 11 -9.85 12.16 -17.70
N GLU C 12 -10.71 11.97 -16.69
CA GLU C 12 -12.09 11.48 -16.94
C GLU C 12 -13.01 11.99 -15.83
N SER C 13 -14.30 12.02 -16.12
CA SER C 13 -15.40 12.43 -15.19
C SER C 13 -15.77 11.31 -14.24
N PRO C 14 -16.25 11.64 -13.01
CA PRO C 14 -16.76 10.64 -12.08
C PRO C 14 -17.88 9.85 -12.73
N GLY C 15 -17.93 8.57 -12.37
CA GLY C 15 -18.93 7.63 -12.88
C GLY C 15 -18.59 7.03 -14.23
N LYS C 16 -17.60 7.59 -14.93
CA LYS C 16 -17.25 7.10 -16.26
C LYS C 16 -16.17 6.04 -16.13
N THR C 17 -15.75 5.52 -17.27
CA THR C 17 -14.73 4.46 -17.32
C THR C 17 -13.47 5.05 -17.96
N VAL C 18 -12.32 4.74 -17.37
CA VAL C 18 -11.04 5.07 -18.00
C VAL C 18 -10.25 3.78 -18.15
N THR C 19 -9.53 3.65 -19.26
CA THR C 19 -8.66 2.48 -19.51
C THR C 19 -7.23 2.98 -19.71
N ILE C 20 -6.31 2.51 -18.88
CA ILE C 20 -4.87 2.87 -19.04
C ILE C 20 -4.14 1.72 -19.71
N SER C 21 -3.38 2.00 -20.76
CA SER C 21 -2.62 0.97 -21.51
C SER C 21 -1.16 0.92 -21.01
N CYS C 22 -0.54 -0.19 -21.34
CA CYS C 22 0.84 -0.54 -20.98
C CYS C 22 1.35 -1.44 -22.10
N THR C 23 2.05 -0.85 -23.05
CA THR C 23 2.49 -1.51 -24.29
C THR C 23 3.92 -2.06 -24.15
N ARG C 24 4.10 -3.37 -24.38
CA ARG C 24 5.40 -4.05 -24.27
C ARG C 24 6.09 -3.96 -25.63
N SER C 25 7.31 -3.42 -25.62
CA SER C 25 8.09 -3.03 -26.84
C SER C 25 8.59 -4.26 -27.59
N SER C 26 8.79 -5.42 -26.92
CA SER C 26 9.27 -6.67 -27.56
C SER C 26 9.00 -7.86 -26.68
N GLY C 27 8.71 -9.00 -27.33
CA GLY C 27 8.16 -10.19 -26.70
C GLY C 27 6.70 -9.97 -26.34
N SER C 28 5.99 -11.06 -26.19
CA SER C 28 4.53 -11.09 -26.03
C SER C 28 4.22 -10.55 -24.63
N ILE C 29 3.26 -9.64 -24.57
CA ILE C 29 2.71 -9.15 -23.27
C ILE C 29 2.20 -10.34 -22.50
N ALA C 30 1.66 -11.38 -23.14
CA ALA C 30 1.12 -12.57 -22.44
C ALA C 30 2.25 -13.50 -21.92
N SER C 31 3.52 -13.25 -22.22
CA SER C 31 4.61 -14.19 -21.83
C SER C 31 4.87 -14.12 -20.32
N ASN C 32 4.49 -13.01 -19.68
CA ASN C 32 4.90 -12.74 -18.27
C ASN C 32 3.76 -11.95 -17.61
N TYR C 33 3.51 -12.25 -16.34
CA TYR C 33 2.40 -11.60 -15.59
C TYR C 33 2.63 -10.10 -15.53
N VAL C 34 1.52 -9.36 -15.60
CA VAL C 34 1.53 -7.89 -15.45
C VAL C 34 0.78 -7.52 -14.15
N GLN C 35 1.40 -6.64 -13.40
CA GLN C 35 0.82 -6.04 -12.18
C GLN C 35 0.55 -4.58 -12.44
N TRP C 36 -0.40 -4.04 -11.65
CA TRP C 36 -0.68 -2.61 -11.61
C TRP C 36 -0.65 -2.10 -10.18
N TYR C 37 0.07 -1.02 -9.98
CA TYR C 37 0.24 -0.36 -8.66
C TYR C 37 -0.35 1.03 -8.71
N GLN C 38 -1.10 1.38 -7.68
CA GLN C 38 -1.70 2.72 -7.52
C GLN C 38 -0.84 3.48 -6.52
N GLN C 39 -0.52 4.75 -6.76
CA GLN C 39 0.22 5.56 -5.78
C GLN C 39 -0.41 6.96 -5.69
N ARG C 40 -0.97 7.25 -4.53
CA ARG C 40 -1.32 8.67 -4.19
C ARG C 40 -0.10 9.43 -3.72
N PRO C 41 -0.12 10.76 -3.92
CA PRO C 41 1.03 11.62 -3.62
C PRO C 41 1.40 11.58 -2.14
N GLY C 42 2.66 11.29 -1.83
CA GLY C 42 3.16 11.17 -0.45
C GLY C 42 2.91 9.81 0.18
N SER C 43 2.34 8.85 -0.56
CA SER C 43 1.94 7.52 -0.03
C SER C 43 2.71 6.41 -0.74
N SER C 44 2.88 5.26 -0.06
CA SER C 44 3.42 4.06 -0.69
C SER C 44 2.47 3.67 -1.83
N PRO C 45 3.02 3.04 -2.87
CA PRO C 45 2.21 2.28 -3.82
C PRO C 45 1.42 1.18 -3.12
N THR C 46 0.28 0.84 -3.70
CA THR C 46 -0.57 -0.31 -3.34
C THR C 46 -0.83 -1.12 -4.61
N THR C 47 -0.93 -2.43 -4.48
CA THR C 47 -1.17 -3.29 -5.64
C THR C 47 -2.67 -3.35 -5.91
N VAL C 48 -3.07 -3.00 -7.13
CA VAL C 48 -4.51 -3.12 -7.50
C VAL C 48 -4.79 -4.29 -8.43
N ILE C 49 -3.82 -4.77 -9.20
CA ILE C 49 -4.00 -5.93 -10.12
C ILE C 49 -2.70 -6.74 -10.10
N TYR C 50 -2.83 -8.07 -10.06
CA TYR C 50 -1.66 -8.94 -10.22
C TYR C 50 -2.05 -10.11 -11.14
N GLU C 51 -1.04 -10.74 -11.71
CA GLU C 51 -1.25 -11.86 -12.66
C GLU C 51 -2.29 -11.44 -13.73
N ASP C 52 -2.14 -10.25 -14.25
CA ASP C 52 -2.86 -9.65 -15.40
C ASP C 52 -4.27 -9.19 -15.03
N ASN C 53 -4.99 -9.93 -14.23
CA ASN C 53 -6.45 -9.68 -14.05
C ASN C 53 -6.91 -10.01 -12.65
N GLN C 54 -6.04 -10.34 -11.69
CA GLN C 54 -6.51 -10.73 -10.35
C GLN C 54 -6.52 -9.50 -9.44
N ARG C 55 -7.57 -9.34 -8.64
CA ARG C 55 -7.67 -8.18 -7.73
C ARG C 55 -7.39 -8.64 -6.32
N PRO C 56 -6.44 -7.98 -5.62
CA PRO C 56 -6.29 -8.19 -4.19
C PRO C 56 -7.59 -7.85 -3.46
N SER C 57 -7.75 -8.53 -2.33
CA SER C 57 -8.87 -8.22 -1.44
C SER C 57 -8.64 -6.78 -0.93
N GLY C 58 -9.74 -6.06 -0.87
CA GLY C 58 -9.71 -4.65 -0.43
C GLY C 58 -9.69 -3.73 -1.62
N VAL C 59 -9.45 -4.28 -2.82
CA VAL C 59 -9.48 -3.47 -4.07
C VAL C 59 -10.89 -3.52 -4.63
N PRO C 60 -11.53 -2.32 -4.81
CA PRO C 60 -12.86 -2.25 -5.39
C PRO C 60 -13.02 -3.09 -6.66
N ASP C 61 -14.18 -3.74 -6.87
CA ASP C 61 -14.39 -4.53 -8.11
C ASP C 61 -14.54 -3.66 -9.38
N ARG C 62 -14.52 -2.35 -9.30
CA ARG C 62 -14.56 -1.59 -10.55
C ARG C 62 -13.14 -1.35 -11.10
N PHE C 63 -12.13 -1.94 -10.47
CA PHE C 63 -10.77 -2.09 -11.06
C PHE C 63 -10.72 -3.46 -11.74
N SER C 64 -10.37 -3.48 -13.01
CA SER C 64 -10.15 -4.75 -13.71
C SER C 64 -8.90 -4.64 -14.58
N GLY C 65 -8.28 -5.77 -14.82
CA GLY C 65 -7.12 -5.82 -15.70
C GLY C 65 -7.34 -6.78 -16.81
N SER C 66 -6.70 -6.50 -17.93
N SER C 66 -6.72 -6.49 -17.95
CA SER C 66 -6.78 -7.38 -19.12
CA SER C 66 -6.79 -7.36 -19.15
C SER C 66 -5.50 -7.26 -19.96
C SER C 66 -5.49 -7.29 -19.93
N ILE C 67 -5.38 -8.19 -20.91
CA ILE C 67 -4.24 -8.26 -21.86
C ILE C 67 -4.82 -8.24 -23.28
N ASP C 68 -4.28 -7.39 -24.14
CA ASP C 68 -4.61 -7.34 -25.59
C ASP C 68 -3.37 -7.74 -26.40
N SER C 69 -3.26 -9.00 -26.82
CA SER C 69 -2.09 -9.48 -27.62
C SER C 69 -2.03 -8.69 -28.94
N SER C 70 -3.16 -8.24 -29.46
CA SER C 70 -3.28 -7.49 -30.75
C SER C 70 -2.40 -6.24 -30.73
N SER C 71 -2.45 -5.42 -29.68
CA SER C 71 -1.61 -4.19 -29.53
C SER C 71 -0.40 -4.49 -28.64
N ASN C 72 -0.35 -5.69 -28.09
CA ASN C 72 0.75 -6.18 -27.21
C ASN C 72 0.76 -5.32 -25.93
N SER C 73 -0.42 -5.06 -25.39
CA SER C 73 -0.57 -4.11 -24.28
C SER C 73 -1.40 -4.74 -23.20
N ALA C 74 -1.10 -4.32 -21.97
CA ALA C 74 -1.96 -4.66 -20.85
C ALA C 74 -2.84 -3.44 -20.60
N SER C 75 -3.98 -3.67 -19.97
CA SER C 75 -4.89 -2.54 -19.69
C SER C 75 -5.37 -2.64 -18.25
N LEU C 76 -5.48 -1.48 -17.63
CA LEU C 76 -6.20 -1.30 -16.37
C LEU C 76 -7.45 -0.47 -16.68
N THR C 77 -8.60 -1.04 -16.39
CA THR C 77 -9.91 -0.38 -16.55
C THR C 77 -10.42 -0.03 -15.19
N ILE C 78 -10.77 1.25 -15.04
CA ILE C 78 -11.40 1.75 -13.81
C ILE C 78 -12.79 2.20 -14.25
N SER C 79 -13.79 1.43 -13.85
CA SER C 79 -15.20 1.77 -14.16
C SER C 79 -15.73 2.56 -12.98
N GLY C 80 -16.76 3.33 -13.24
CA GLY C 80 -17.42 4.01 -12.12
C GLY C 80 -16.47 4.88 -11.34
N LEU C 81 -15.70 5.71 -12.05
CA LEU C 81 -14.56 6.48 -11.51
C LEU C 81 -15.00 7.29 -10.28
N LYS C 82 -14.25 7.18 -9.17
CA LYS C 82 -14.44 8.02 -7.96
C LYS C 82 -13.29 9.01 -7.85
N THR C 83 -13.57 10.15 -7.23
CA THR C 83 -12.55 11.17 -6.93
C THR C 83 -11.37 10.50 -6.18
N GLU C 84 -11.59 9.47 -5.35
CA GLU C 84 -10.54 8.72 -4.59
C GLU C 84 -9.54 8.04 -5.55
N ASP C 85 -9.88 7.91 -6.83
CA ASP C 85 -9.03 7.13 -7.79
C ASP C 85 -7.96 8.02 -8.38
N GLU C 86 -7.97 9.29 -8.06
CA GLU C 86 -6.92 10.23 -8.55
C GLU C 86 -5.60 9.77 -7.94
N ALA C 87 -4.65 9.46 -8.77
CA ALA C 87 -3.41 8.76 -8.37
C ALA C 87 -2.53 8.58 -9.58
N ASP C 88 -1.28 8.19 -9.36
CA ASP C 88 -0.40 7.66 -10.41
C ASP C 88 -0.59 6.14 -10.48
N TYR C 89 -0.61 5.56 -11.66
CA TYR C 89 -0.77 4.11 -11.84
C TYR C 89 0.42 3.64 -12.64
N TYR C 90 1.10 2.63 -12.13
CA TYR C 90 2.25 1.99 -12.80
C TYR C 90 1.91 0.56 -13.15
N CYS C 91 2.19 0.16 -14.38
CA CYS C 91 2.20 -1.25 -14.74
C CYS C 91 3.63 -1.79 -14.51
N GLN C 92 3.70 -3.07 -14.40
CA GLN C 92 4.98 -3.76 -14.13
C GLN C 92 4.91 -5.17 -14.68
N SER C 93 5.98 -5.62 -15.34
CA SER C 93 6.16 -7.02 -15.70
C SER C 93 7.64 -7.36 -15.55
N TYR C 94 8.07 -8.39 -16.26
CA TYR C 94 9.42 -8.96 -16.01
C TYR C 94 9.70 -9.96 -17.12
N ASP C 95 10.95 -10.43 -17.22
CA ASP C 95 11.24 -11.74 -17.84
C ASP C 95 12.40 -12.35 -17.06
N SER C 96 13.04 -13.40 -17.56
CA SER C 96 14.20 -14.01 -16.85
C SER C 96 15.34 -13.02 -16.63
N SER C 97 15.41 -11.87 -17.30
CA SER C 97 16.50 -10.91 -17.10
C SER C 97 16.27 -9.93 -15.94
N SER C 98 15.06 -9.36 -15.83
CA SER C 98 14.84 -8.25 -14.89
C SER C 98 13.36 -7.89 -14.81
N TRP C 99 13.00 -7.13 -13.79
CA TRP C 99 11.66 -6.49 -13.79
C TRP C 99 11.69 -5.29 -14.72
N VAL C 100 10.49 -4.89 -15.20
CA VAL C 100 10.28 -3.67 -15.99
C VAL C 100 9.03 -2.99 -15.42
N PHE C 101 9.17 -1.73 -15.13
CA PHE C 101 8.06 -0.82 -14.78
C PHE C 101 7.74 0.07 -15.99
N GLY C 102 6.45 0.28 -16.20
CA GLY C 102 5.95 1.39 -17.00
C GLY C 102 6.32 2.72 -16.39
N GLY C 103 6.23 3.81 -17.14
CA GLY C 103 6.64 5.12 -16.64
C GLY C 103 5.63 5.82 -15.76
N GLY C 104 4.43 5.27 -15.63
CA GLY C 104 3.39 5.85 -14.77
C GLY C 104 2.42 6.70 -15.56
N THR C 105 1.15 6.64 -15.17
CA THR C 105 0.08 7.49 -15.73
C THR C 105 -0.51 8.27 -14.58
N LYS C 106 -0.58 9.58 -14.68
CA LYS C 106 -1.25 10.41 -13.68
C LYS C 106 -2.73 10.53 -14.08
N LEU C 107 -3.62 10.01 -13.27
CA LEU C 107 -5.07 10.12 -13.56
C LEU C 107 -5.65 11.29 -12.78
N THR C 108 -6.33 12.17 -13.50
CA THR C 108 -7.12 13.32 -12.99
C THR C 108 -8.60 12.98 -13.13
N VAL C 109 -9.41 13.25 -12.09
CA VAL C 109 -10.89 13.10 -12.14
C VAL C 109 -11.46 14.51 -12.32
N LEU C 110 -12.12 14.73 -13.44
CA LEU C 110 -12.69 16.02 -13.89
C LEU C 110 -13.89 16.37 -13.00
N GLY C 111 -14.50 17.55 -13.24
CA GLY C 111 -15.78 17.99 -12.64
C GLY C 111 -15.71 18.51 -11.20
N GLN C 112 -14.55 18.64 -10.57
CA GLN C 112 -14.45 19.19 -9.20
C GLN C 112 -14.76 20.69 -9.22
N PRO C 113 -15.60 21.16 -8.29
CA PRO C 113 -16.03 22.56 -8.31
C PRO C 113 -14.89 23.52 -7.95
N LYS C 114 -14.98 24.73 -8.46
CA LYS C 114 -14.06 25.80 -8.09
C LYS C 114 -14.18 26.06 -6.58
N ALA C 115 -13.04 26.12 -5.90
CA ALA C 115 -12.99 26.41 -4.45
C ALA C 115 -11.91 27.48 -4.20
N ASN C 116 -12.29 28.56 -3.55
CA ASN C 116 -11.35 29.67 -3.25
C ASN C 116 -10.49 29.20 -2.09
N PRO C 117 -9.21 29.66 -2.01
CA PRO C 117 -8.35 29.25 -0.93
C PRO C 117 -8.76 29.80 0.44
N THR C 118 -8.57 29.02 1.49
CA THR C 118 -8.61 29.58 2.87
C THR C 118 -7.16 29.96 3.21
N VAL C 119 -7.00 31.16 3.76
CA VAL C 119 -5.64 31.72 4.02
C VAL C 119 -5.54 31.98 5.51
N THR C 120 -4.50 31.43 6.14
CA THR C 120 -4.15 31.69 7.55
C THR C 120 -2.76 32.32 7.55
N LEU C 121 -2.59 33.45 8.23
CA LEU C 121 -1.31 34.17 8.26
C LEU C 121 -0.90 34.34 9.72
N PHE C 122 0.29 33.88 10.08
CA PHE C 122 0.82 33.94 11.44
C PHE C 122 2.01 34.90 11.42
N PRO C 123 2.03 35.85 12.38
CA PRO C 123 3.22 36.68 12.59
C PRO C 123 4.29 35.86 13.28
N PRO C 124 5.48 36.45 13.45
CA PRO C 124 6.53 35.82 14.23
C PRO C 124 6.07 35.57 15.66
N SER C 125 6.45 34.42 16.20
CA SER C 125 6.31 34.11 17.65
C SER C 125 7.30 34.97 18.45
N SER C 126 6.95 35.30 19.69
CA SER C 126 7.88 35.98 20.61
C SER C 126 9.13 35.12 20.80
N GLU C 127 9.00 33.79 20.80
CA GLU C 127 10.17 32.90 20.95
C GLU C 127 11.13 33.07 19.75
N GLU C 128 10.59 33.07 18.53
CA GLU C 128 11.46 33.25 17.34
C GLU C 128 12.14 34.63 17.37
N LEU C 129 11.42 35.68 17.74
CA LEU C 129 12.01 37.05 17.80
C LEU C 129 13.11 37.08 18.85
N GLN C 130 12.96 36.31 19.93
CA GLN C 130 13.99 36.17 20.99
C GLN C 130 15.25 35.53 20.39
N ALA C 131 15.09 34.68 19.36
CA ALA C 131 16.18 34.02 18.60
C ALA C 131 16.64 34.93 17.44
N ASN C 132 16.21 36.19 17.42
CA ASN C 132 16.62 37.21 16.42
C ASN C 132 16.16 36.84 14.99
N LYS C 133 15.04 36.14 14.88
CA LYS C 133 14.47 35.78 13.59
C LYS C 133 13.01 36.17 13.54
N ALA C 134 12.46 36.30 12.34
CA ALA C 134 11.08 36.74 12.16
C ALA C 134 10.55 36.08 10.87
N THR C 135 9.77 35.02 11.01
CA THR C 135 9.16 34.34 9.85
C THR C 135 7.66 34.60 9.86
N LEU C 136 7.15 35.18 8.80
CA LEU C 136 5.69 35.23 8.55
C LEU C 136 5.29 33.96 7.79
N VAL C 137 4.20 33.34 8.22
CA VAL C 137 3.79 32.00 7.70
C VAL C 137 2.39 32.15 7.09
N CYS C 138 2.29 31.97 5.78
CA CYS C 138 1.03 32.12 5.03
C CYS C 138 0.62 30.74 4.52
N LEU C 139 -0.44 30.19 5.15
CA LEU C 139 -0.91 28.81 4.87
C LEU C 139 -2.19 28.88 4.04
N ILE C 140 -2.13 28.23 2.87
CA ILE C 140 -3.13 28.36 1.78
C ILE C 140 -3.75 26.97 1.57
N SER C 141 -5.05 26.84 1.79
CA SER C 141 -5.59 25.45 1.68
C SER C 141 -6.98 25.42 1.05
N ASP C 142 -7.39 24.19 0.71
CA ASP C 142 -8.76 23.91 0.20
C ASP C 142 -9.08 24.70 -1.08
N PHE C 143 -8.13 24.89 -2.02
CA PHE C 143 -8.39 25.58 -3.30
C PHE C 143 -8.44 24.57 -4.44
N TYR C 144 -9.25 24.92 -5.43
CA TYR C 144 -9.37 24.14 -6.69
C TYR C 144 -9.78 25.07 -7.80
N PRO C 145 -9.16 25.08 -8.99
CA PRO C 145 -8.05 24.20 -9.35
C PRO C 145 -6.74 24.59 -8.66
N GLY C 146 -5.69 23.80 -8.91
CA GLY C 146 -4.52 23.75 -8.03
C GLY C 146 -3.44 24.73 -8.46
N ALA C 147 -3.77 25.99 -8.67
CA ALA C 147 -2.81 27.07 -9.03
C ALA C 147 -3.16 28.31 -8.20
N VAL C 148 -2.16 28.90 -7.53
CA VAL C 148 -2.34 30.21 -6.86
C VAL C 148 -1.12 31.10 -7.18
N THR C 149 -1.28 32.40 -7.04
CA THR C 149 -0.11 33.29 -6.99
C THR C 149 -0.15 34.01 -5.65
N VAL C 150 1.03 34.20 -5.07
CA VAL C 150 1.16 34.84 -3.72
C VAL C 150 1.97 36.13 -3.86
N ALA C 151 1.45 37.18 -3.27
CA ALA C 151 2.15 38.49 -3.23
C ALA C 151 2.19 38.93 -1.78
N TRP C 152 3.35 39.39 -1.34
CA TRP C 152 3.50 39.92 0.01
C TRP C 152 3.66 41.43 -0.05
N LYS C 153 3.11 42.08 0.92
CA LYS C 153 3.19 43.56 1.04
C LYS C 153 3.82 43.91 2.38
N ALA C 154 4.67 44.93 2.40
CA ALA C 154 5.17 45.62 3.60
C ALA C 154 4.46 46.98 3.64
N ASP C 155 3.60 47.20 4.62
CA ASP C 155 2.65 48.33 4.56
C ASP C 155 1.88 48.13 3.24
N GLY C 156 1.92 49.08 2.33
CA GLY C 156 1.30 48.89 0.99
C GLY C 156 2.32 48.67 -0.10
N SER C 157 3.61 48.52 0.19
CA SER C 157 4.68 48.34 -0.81
C SER C 157 4.87 46.86 -1.10
N PRO C 158 5.25 46.49 -2.34
CA PRO C 158 5.55 45.10 -2.67
C PRO C 158 6.82 44.66 -1.94
N VAL C 159 6.80 43.42 -1.48
CA VAL C 159 7.98 42.72 -0.91
C VAL C 159 8.63 41.94 -2.04
N LYS C 160 9.92 42.18 -2.26
CA LYS C 160 10.67 41.68 -3.43
C LYS C 160 11.74 40.67 -3.03
N ALA C 161 11.96 40.41 -1.73
CA ALA C 161 13.02 39.51 -1.26
C ALA C 161 12.55 38.74 -0.03
N GLY C 162 13.13 37.57 0.21
CA GLY C 162 12.89 36.83 1.46
C GLY C 162 11.68 35.90 1.39
N VAL C 163 11.09 35.75 0.22
CA VAL C 163 9.84 34.93 0.06
C VAL C 163 10.20 33.57 -0.50
N GLU C 164 9.69 32.50 0.13
CA GLU C 164 9.77 31.14 -0.43
C GLU C 164 8.40 30.49 -0.35
N THR C 165 7.95 30.01 -1.50
CA THR C 165 6.56 29.51 -1.68
C THR C 165 6.63 28.10 -2.26
N THR C 166 5.86 27.20 -1.67
CA THR C 166 5.80 25.81 -2.17
C THR C 166 4.99 25.74 -3.48
N LYS C 167 5.15 24.61 -4.17
CA LYS C 167 4.28 24.17 -5.30
C LYS C 167 2.97 23.69 -4.69
N PRO C 168 1.82 23.92 -5.31
CA PRO C 168 0.59 23.34 -4.78
C PRO C 168 0.66 21.81 -4.74
N SER C 169 0.05 21.20 -3.75
CA SER C 169 0.08 19.73 -3.58
C SER C 169 -1.31 19.27 -3.19
N LYS C 170 -1.72 18.09 -3.68
CA LYS C 170 -3.08 17.58 -3.47
C LYS C 170 -3.17 17.13 -2.02
N GLN C 171 -4.19 17.65 -1.33
CA GLN C 171 -4.64 17.23 0.02
C GLN C 171 -5.32 15.85 -0.05
N SER C 172 -5.61 15.28 1.11
CA SER C 172 -6.45 14.07 1.29
C SER C 172 -7.75 14.20 0.49
N ASN C 173 -8.37 15.38 0.56
CA ASN C 173 -9.74 15.67 0.11
C ASN C 173 -9.72 16.14 -1.36
N ASN C 174 -8.60 15.95 -2.07
CA ASN C 174 -8.50 16.20 -3.55
C ASN C 174 -8.38 17.69 -3.92
N LYS C 175 -8.63 18.61 -2.99
CA LYS C 175 -8.27 20.05 -3.13
C LYS C 175 -6.76 20.21 -2.84
N TYR C 176 -6.27 21.45 -2.95
CA TYR C 176 -4.83 21.73 -2.95
C TYR C 176 -4.45 22.60 -1.75
N ALA C 177 -3.19 22.46 -1.39
CA ALA C 177 -2.57 23.31 -0.35
C ALA C 177 -1.24 23.86 -0.86
N ALA C 178 -0.85 25.00 -0.28
CA ALA C 178 0.47 25.61 -0.52
C ALA C 178 0.84 26.45 0.70
N SER C 179 2.13 26.75 0.85
CA SER C 179 2.54 27.66 1.95
C SER C 179 3.57 28.65 1.42
N SER C 180 3.54 29.83 2.01
CA SER C 180 4.51 30.87 1.65
C SER C 180 5.10 31.42 2.94
N TYR C 181 6.44 31.57 2.95
CA TYR C 181 7.21 31.99 4.13
C TYR C 181 7.94 33.29 3.75
N LEU C 182 7.78 34.30 4.59
CA LEU C 182 8.55 35.55 4.39
C LEU C 182 9.53 35.67 5.56
N SER C 183 10.83 35.72 5.25
CA SER C 183 11.91 35.90 6.25
C SER C 183 12.26 37.39 6.34
N LEU C 184 12.21 37.92 7.55
CA LEU C 184 12.58 39.31 7.86
C LEU C 184 13.65 39.33 8.94
N THR C 185 14.44 40.39 8.97
CA THR C 185 15.19 40.67 10.21
C THR C 185 14.23 41.26 11.22
N PRO C 186 14.51 41.15 12.51
CA PRO C 186 13.63 41.72 13.52
C PRO C 186 13.38 43.22 13.25
N GLU C 187 14.38 43.96 12.79
CA GLU C 187 14.22 45.41 12.50
C GLU C 187 13.17 45.59 11.40
N GLN C 188 13.23 44.79 10.33
CA GLN C 188 12.23 44.91 9.22
C GLN C 188 10.82 44.65 9.76
N TRP C 189 10.64 43.65 10.61
CA TRP C 189 9.32 43.33 11.21
C TRP C 189 8.80 44.52 12.04
N LYS C 190 9.66 45.09 12.89
CA LYS C 190 9.26 46.13 13.88
C LYS C 190 9.09 47.47 13.20
N SER C 191 9.69 47.70 12.03
CA SER C 191 9.81 49.05 11.43
C SER C 191 8.66 49.31 10.44
N HIS C 192 7.83 48.31 10.13
CA HIS C 192 6.59 48.51 9.32
C HIS C 192 5.34 48.43 10.19
N ARG C 193 4.25 49.06 9.74
CA ARG C 193 2.97 49.04 10.47
C ARG C 193 2.33 47.65 10.33
N SER C 194 2.52 47.03 9.18
CA SER C 194 1.87 45.72 8.93
C SER C 194 2.55 45.01 7.77
N TYR C 195 2.33 43.70 7.69
CA TYR C 195 2.65 42.91 6.50
C TYR C 195 1.37 42.18 6.08
N SER C 196 1.25 41.93 4.80
CA SER C 196 0.10 41.23 4.18
C SER C 196 0.55 40.11 3.26
N CYS C 197 -0.20 39.00 3.30
CA CYS C 197 -0.09 37.88 2.35
C CYS C 197 -1.35 37.95 1.46
N GLN C 198 -1.16 38.16 0.17
CA GLN C 198 -2.26 38.27 -0.83
C GLN C 198 -2.21 37.04 -1.74
N VAL C 199 -3.30 36.27 -1.70
CA VAL C 199 -3.35 35.03 -2.51
C VAL C 199 -4.37 35.23 -3.66
N THR C 200 -3.95 35.11 -4.88
CA THR C 200 -4.84 35.23 -6.06
C THR C 200 -5.16 33.83 -6.59
N HIS C 201 -6.45 33.54 -6.79
CA HIS C 201 -6.87 32.24 -7.34
C HIS C 201 -8.01 32.51 -8.35
N GLU C 202 -7.83 32.11 -9.61
CA GLU C 202 -8.87 32.28 -10.66
C GLU C 202 -9.39 33.74 -10.66
N GLY C 203 -8.47 34.72 -10.61
CA GLY C 203 -8.74 36.18 -10.72
C GLY C 203 -9.30 36.85 -9.46
N SER C 204 -9.54 36.11 -8.37
CA SER C 204 -10.05 36.63 -7.08
C SER C 204 -8.90 36.60 -6.05
N THR C 205 -8.74 37.67 -5.28
CA THR C 205 -7.65 37.83 -4.28
C THR C 205 -8.22 37.70 -2.86
N VAL C 206 -7.61 36.84 -2.05
CA VAL C 206 -7.86 36.68 -0.59
C VAL C 206 -6.61 37.21 0.12
N GLU C 207 -6.75 38.13 1.05
CA GLU C 207 -5.61 38.78 1.75
C GLU C 207 -5.77 38.64 3.27
N LYS C 208 -4.65 38.40 3.95
CA LYS C 208 -4.57 38.51 5.41
C LYS C 208 -3.40 39.46 5.71
N THR C 209 -3.54 40.12 6.85
CA THR C 209 -2.62 41.14 7.41
C THR C 209 -2.31 40.81 8.87
N VAL C 210 -1.04 40.99 9.25
CA VAL C 210 -0.56 40.89 10.65
C VAL C 210 0.34 42.12 10.93
N ALA C 211 0.53 42.38 12.22
CA ALA C 211 1.28 43.56 12.72
C ALA C 211 1.98 43.21 14.02
N PRO C 212 3.09 43.90 14.34
CA PRO C 212 3.72 43.73 15.65
C PRO C 212 2.72 43.85 16.81
N THR C 213 2.98 43.12 17.90
CA THR C 213 2.07 43.03 19.08
C THR C 213 1.69 44.43 19.58
#